data_8ZQU
#
_entry.id   8ZQU
#
_cell.length_a   58.475
_cell.length_b   80.619
_cell.length_c   163.765
_cell.angle_alpha   90.000
_cell.angle_beta   90.000
_cell.angle_gamma   90.000
#
_symmetry.space_group_name_H-M   'P 21 21 21'
#
loop_
_entity.id
_entity.type
_entity.pdbx_description
1 polymer "3',5'-cyclic-AMP phosphodiesterase 4D"
2 non-polymer 'ZINC ION'
3 non-polymer 'MAGNESIUM ION'
4 non-polymer (3~{Z})-3-[[4-[bis(fluoranyl)methoxy]-3-cyclopentyloxy-phenyl]methylidene]-6-oxidanyl-1-benzofuran-2-one
5 water water
#
_entity_poly.entity_id   1
_entity_poly.type   'polypeptide(L)'
_entity_poly.pdbx_seq_one_letter_code
;MASNKFKRMLNRELTHLSEMSRSGNQVSEFISNTFLDKQHEVEIPSPTQKEKEKKKRPMSQISGVKKLMHSSSLTNSSIP
RFGVKTEQEDVLAKELEDVNKWGLHVFRIAELSGNRPLTVIMHTIFQERDLLKTFKIPVDTLITYLMTLEDHYHADVAYH
NNIHAADVVQSTHVLLSTPALEAVFTDLEILAAIFASAIHDVDHPGVSNQFLINTNSELALMYNDSSVLENHHLAVGFKL
LQEENCDIFQNLTKKQRQSLRKMVIDIVLATDMSKHMNLLADLKTMVETKKVTSSGVLLLDNYSDRIQVLQNMVHCADLS
NPTKPLQLYRQWTDRIMEEFFRQGDRERERGMEISPMCDKHNASVEKSQVGFIDYIVHPLWETWADLVHPDAQDILDTLE
DNREWYQSTIPQSPSPAPDDPEEGRQGQTEKFQFELTLEEDGESDTEKDSGSQVEEDTSCSDSKTLCTQDSESTEIPLDE
QVEEEAVGEEEESQPEACVIDDRSPD
;
_entity_poly.pdbx_strand_id   A,B
#
loop_
_chem_comp.id
_chem_comp.type
_chem_comp.name
_chem_comp.formula
A1D8P non-polymer (3~{Z})-3-[[4-[bis(fluoranyl)methoxy]-3-cyclopentyloxy-phenyl]methylidene]-6-oxidanyl-1-benzofuran-2-one 'C21 H18 F2 O5'
MG non-polymer 'MAGNESIUM ION' 'Mg 2'
ZN non-polymer 'ZINC ION' 'Zn 2'
#
# COMPACT_ATOMS: atom_id res chain seq x y z
N GLU A 87 -39.95 -28.25 0.45
CA GLU A 87 -39.38 -27.18 1.27
C GLU A 87 -38.26 -26.47 0.50
N GLN A 88 -38.10 -25.16 0.70
CA GLN A 88 -36.98 -24.47 0.09
C GLN A 88 -35.65 -25.07 0.54
N GLU A 89 -35.60 -25.60 1.76
CA GLU A 89 -34.37 -26.15 2.30
C GLU A 89 -33.97 -27.43 1.57
N ASP A 90 -34.95 -28.28 1.22
CA ASP A 90 -34.66 -29.48 0.42
C ASP A 90 -34.04 -29.09 -0.92
N VAL A 91 -34.63 -28.09 -1.58
CA VAL A 91 -34.13 -27.64 -2.88
C VAL A 91 -32.77 -26.97 -2.73
N LEU A 92 -32.60 -26.16 -1.68
CA LEU A 92 -31.30 -25.54 -1.44
C LEU A 92 -30.22 -26.59 -1.25
N ALA A 93 -30.49 -27.60 -0.41
CA ALA A 93 -29.49 -28.64 -0.17
C ALA A 93 -29.18 -29.40 -1.46
N LYS A 94 -30.20 -29.65 -2.29
CA LYS A 94 -29.97 -30.26 -3.59
C LYS A 94 -28.98 -29.42 -4.41
N GLU A 95 -29.23 -28.11 -4.50
CA GLU A 95 -28.33 -27.25 -5.27
C GLU A 95 -26.92 -27.26 -4.71
N LEU A 96 -26.78 -27.33 -3.39
CA LEU A 96 -25.46 -27.30 -2.78
C LEU A 96 -24.67 -28.58 -3.02
N GLU A 97 -25.31 -29.66 -3.49
CA GLU A 97 -24.56 -30.82 -3.94
C GLU A 97 -23.69 -30.55 -5.17
N ASP A 98 -23.90 -29.41 -5.86
CA ASP A 98 -23.10 -29.02 -7.02
C ASP A 98 -21.88 -28.19 -6.66
N VAL A 99 -21.56 -28.05 -5.37
CA VAL A 99 -20.55 -27.10 -4.94
C VAL A 99 -19.17 -27.40 -5.53
N ASN A 100 -18.89 -28.62 -5.94
CA ASN A 100 -17.60 -28.95 -6.54
C ASN A 100 -17.59 -28.78 -8.05
N LYS A 101 -18.66 -28.27 -8.65
CA LYS A 101 -18.78 -28.21 -10.11
C LYS A 101 -18.70 -26.76 -10.59
N TRP A 102 -17.97 -26.56 -11.67
CA TRP A 102 -17.98 -25.29 -12.40
C TRP A 102 -19.37 -25.06 -12.97
N GLY A 103 -19.91 -23.86 -12.82
CA GLY A 103 -21.26 -23.63 -13.28
C GLY A 103 -22.36 -23.93 -12.27
N LEU A 104 -22.01 -24.06 -10.99
CA LEU A 104 -22.99 -24.04 -9.92
C LEU A 104 -24.04 -22.96 -10.18
N HIS A 105 -25.30 -23.24 -9.82
CA HIS A 105 -26.40 -22.27 -9.97
C HIS A 105 -26.36 -21.21 -8.88
N VAL A 106 -25.37 -20.32 -8.90
CA VAL A 106 -25.14 -19.50 -7.71
C VAL A 106 -26.29 -18.52 -7.51
N PHE A 107 -26.95 -18.09 -8.59
CA PHE A 107 -28.05 -17.15 -8.44
C PHE A 107 -29.27 -17.82 -7.83
N ARG A 108 -29.51 -19.10 -8.18
CA ARG A 108 -30.60 -19.83 -7.51
C ARG A 108 -30.29 -20.03 -6.04
N ILE A 109 -29.04 -20.36 -5.72
CA ILE A 109 -28.64 -20.56 -4.33
C ILE A 109 -28.83 -19.27 -3.54
N ALA A 110 -28.55 -18.10 -4.15
CA ALA A 110 -28.77 -16.84 -3.45
C ALA A 110 -30.23 -16.63 -3.13
N GLU A 111 -31.12 -16.99 -4.05
CA GLU A 111 -32.54 -16.86 -3.73
C GLU A 111 -32.99 -17.96 -2.77
N LEU A 112 -32.59 -19.21 -3.04
CA LEU A 112 -33.07 -20.29 -2.19
C LEU A 112 -32.62 -20.09 -0.74
N SER A 113 -31.51 -19.38 -0.54
CA SER A 113 -30.91 -19.24 0.78
C SER A 113 -31.36 -17.97 1.49
N GLY A 114 -32.30 -17.22 0.94
CA GLY A 114 -32.70 -15.98 1.60
C GLY A 114 -31.64 -14.90 1.49
N ASN A 115 -31.03 -14.76 0.31
CA ASN A 115 -29.95 -13.81 0.08
C ASN A 115 -28.76 -14.06 1.01
N ARG A 116 -28.48 -15.34 1.28
CA ARG A 116 -27.27 -15.72 2.00
C ARG A 116 -26.37 -16.65 1.18
N PRO A 117 -26.13 -16.38 -0.12
CA PRO A 117 -25.24 -17.29 -0.88
C PRO A 117 -23.85 -17.41 -0.29
N LEU A 118 -23.26 -16.32 0.22
CA LEU A 118 -21.90 -16.40 0.74
C LEU A 118 -21.84 -17.26 1.99
N THR A 119 -22.77 -17.06 2.92
CA THR A 119 -22.78 -17.88 4.13
C THR A 119 -22.95 -19.36 3.82
N VAL A 120 -23.95 -19.71 2.99
CA VAL A 120 -24.25 -21.13 2.82
C VAL A 120 -23.15 -21.82 2.00
N ILE A 121 -22.59 -21.13 1.01
CA ILE A 121 -21.57 -21.75 0.16
C ILE A 121 -20.26 -21.93 0.93
N MET A 122 -19.86 -20.91 1.70
CA MET A 122 -18.68 -21.03 2.56
C MET A 122 -18.85 -22.14 3.58
N HIS A 123 -19.99 -22.16 4.27
CA HIS A 123 -20.21 -23.22 5.26
C HIS A 123 -20.15 -24.60 4.59
N THR A 124 -20.78 -24.74 3.42
CA THR A 124 -20.73 -26.01 2.70
C THR A 124 -19.30 -26.40 2.35
N ILE A 125 -18.51 -25.45 1.86
CA ILE A 125 -17.14 -25.75 1.46
C ILE A 125 -16.26 -26.06 2.66
N PHE A 126 -16.42 -25.35 3.78
CA PHE A 126 -15.62 -25.68 4.96
C PHE A 126 -15.91 -27.09 5.44
N GLN A 127 -17.18 -27.51 5.41
CA GLN A 127 -17.51 -28.87 5.83
C GLN A 127 -16.99 -29.88 4.82
N GLU A 128 -17.14 -29.58 3.53
CA GLU A 128 -16.63 -30.48 2.49
C GLU A 128 -15.13 -30.70 2.61
N ARG A 129 -14.37 -29.67 2.96
CA ARG A 129 -12.91 -29.78 3.11
C ARG A 129 -12.50 -30.10 4.53
N ASP A 130 -13.45 -30.37 5.43
CA ASP A 130 -13.16 -30.72 6.82
C ASP A 130 -12.38 -29.62 7.54
N LEU A 131 -12.63 -28.36 7.16
CA LEU A 131 -11.87 -27.25 7.70
C LEU A 131 -12.24 -26.95 9.15
N LEU A 132 -13.51 -27.12 9.54
CA LEU A 132 -13.87 -26.84 10.93
C LEU A 132 -13.09 -27.74 11.90
N LYS A 133 -12.97 -29.03 11.58
CA LYS A 133 -12.21 -29.95 12.41
C LYS A 133 -10.72 -29.63 12.37
N THR A 134 -10.17 -29.44 11.17
CA THR A 134 -8.73 -29.23 11.04
C THR A 134 -8.27 -28.02 11.85
N PHE A 135 -9.03 -26.93 11.82
CA PHE A 135 -8.61 -25.70 12.48
C PHE A 135 -9.42 -25.40 13.73
N LYS A 136 -10.22 -26.35 14.20
CA LYS A 136 -10.96 -26.20 15.46
C LYS A 136 -11.85 -24.97 15.42
N ILE A 137 -12.59 -24.79 14.33
CA ILE A 137 -13.48 -23.65 14.16
C ILE A 137 -14.84 -24.03 14.75
N PRO A 138 -15.31 -23.37 15.80
CA PRO A 138 -16.70 -23.59 16.26
C PRO A 138 -17.68 -23.23 15.16
N VAL A 139 -18.68 -24.09 14.97
CA VAL A 139 -19.63 -23.90 13.88
C VAL A 139 -20.42 -22.61 14.06
N ASP A 140 -20.82 -22.27 15.29
CA ASP A 140 -21.56 -21.03 15.52
C ASP A 140 -20.68 -19.81 15.25
N THR A 141 -19.39 -19.89 15.58
CA THR A 141 -18.47 -18.80 15.27
C THR A 141 -18.34 -18.61 13.76
N LEU A 142 -18.19 -19.71 13.03
CA LEU A 142 -18.10 -19.64 11.57
C LEU A 142 -19.37 -19.00 10.99
N ILE A 143 -20.55 -19.47 11.41
CA ILE A 143 -21.79 -18.89 10.90
C ILE A 143 -21.90 -17.41 11.28
N THR A 144 -21.49 -17.06 12.49
CA THR A 144 -21.64 -15.67 12.92
C THR A 144 -20.72 -14.76 12.11
N TYR A 145 -19.46 -15.16 11.93
CA TYR A 145 -18.59 -14.33 11.10
C TYR A 145 -19.13 -14.24 9.67
N LEU A 146 -19.52 -15.38 9.10
CA LEU A 146 -19.97 -15.37 7.71
C LEU A 146 -21.17 -14.45 7.50
N MET A 147 -22.15 -14.49 8.41
CA MET A 147 -23.30 -13.61 8.27
C MET A 147 -22.91 -12.14 8.41
N THR A 148 -22.02 -11.83 9.36
CA THR A 148 -21.56 -10.45 9.49
C THR A 148 -20.78 -10.00 8.26
N LEU A 149 -19.91 -10.88 7.76
CA LEU A 149 -19.16 -10.54 6.55
C LEU A 149 -20.11 -10.33 5.38
N GLU A 150 -21.07 -11.23 5.22
CA GLU A 150 -22.02 -11.10 4.12
C GLU A 150 -22.83 -9.82 4.22
N ASP A 151 -23.21 -9.42 5.46
CA ASP A 151 -23.91 -8.15 5.67
C ASP A 151 -23.14 -6.95 5.15
N HIS A 152 -21.81 -7.02 5.19
CA HIS A 152 -21.00 -5.87 4.79
C HIS A 152 -20.72 -5.81 3.29
N TYR A 153 -21.26 -6.72 2.50
CA TYR A 153 -21.42 -6.50 1.06
C TYR A 153 -22.69 -5.66 0.85
N HIS A 154 -22.68 -4.80 -0.17
CA HIS A 154 -23.80 -3.88 -0.36
C HIS A 154 -24.90 -4.57 -1.16
N ALA A 155 -26.07 -4.73 -0.55
CA ALA A 155 -27.21 -5.33 -1.23
C ALA A 155 -27.73 -4.48 -2.38
N ASP A 156 -27.36 -3.19 -2.44
CA ASP A 156 -27.80 -2.30 -3.50
C ASP A 156 -26.75 -2.11 -4.60
N VAL A 157 -25.68 -2.91 -4.61
CA VAL A 157 -24.68 -2.86 -5.66
C VAL A 157 -24.93 -4.03 -6.59
N ALA A 158 -24.97 -3.77 -7.91
CA ALA A 158 -25.49 -4.76 -8.85
C ALA A 158 -24.54 -5.94 -9.06
N TYR A 159 -23.23 -5.68 -9.08
CA TYR A 159 -22.25 -6.72 -9.35
C TYR A 159 -21.39 -7.06 -8.14
N HIS A 160 -20.70 -6.05 -7.57
CA HIS A 160 -19.74 -6.31 -6.49
C HIS A 160 -20.47 -6.48 -5.16
N ASN A 161 -21.24 -7.56 -5.08
CA ASN A 161 -22.06 -7.85 -3.91
C ASN A 161 -21.77 -9.23 -3.32
N ASN A 162 -22.61 -9.70 -2.40
CA ASN A 162 -22.40 -11.01 -1.77
C ASN A 162 -22.48 -12.17 -2.78
N ILE A 163 -23.25 -12.03 -3.86
CA ILE A 163 -23.33 -13.12 -4.83
C ILE A 163 -22.00 -13.27 -5.57
N HIS A 164 -21.41 -12.16 -6.00
CA HIS A 164 -20.05 -12.18 -6.54
C HIS A 164 -19.07 -12.82 -5.57
N ALA A 165 -19.14 -12.47 -4.28
CA ALA A 165 -18.18 -13.04 -3.34
C ALA A 165 -18.36 -14.55 -3.20
N ALA A 166 -19.62 -15.01 -3.14
CA ALA A 166 -19.91 -16.43 -3.11
C ALA A 166 -19.40 -17.14 -4.35
N ASP A 167 -19.57 -16.51 -5.51
CA ASP A 167 -19.13 -17.09 -6.78
C ASP A 167 -17.61 -17.24 -6.82
N VAL A 168 -16.87 -16.22 -6.36
CA VAL A 168 -15.41 -16.31 -6.38
C VAL A 168 -14.91 -17.35 -5.37
N VAL A 169 -15.51 -17.40 -4.18
CA VAL A 169 -15.23 -18.48 -3.24
C VAL A 169 -15.39 -19.84 -3.91
N GLN A 170 -16.56 -20.08 -4.53
CA GLN A 170 -16.83 -21.41 -5.06
C GLN A 170 -15.92 -21.72 -6.26
N SER A 171 -15.62 -20.71 -7.07
CA SER A 171 -14.71 -20.90 -8.20
C SER A 171 -13.30 -21.20 -7.72
N THR A 172 -12.81 -20.46 -6.73
CA THR A 172 -11.53 -20.77 -6.11
C THR A 172 -11.52 -22.20 -5.53
N HIS A 173 -12.64 -22.60 -4.91
CA HIS A 173 -12.74 -23.94 -4.34
C HIS A 173 -12.59 -25.02 -5.43
N VAL A 174 -13.23 -24.82 -6.58
CA VAL A 174 -13.04 -25.75 -7.69
C VAL A 174 -11.59 -25.72 -8.16
N LEU A 175 -11.02 -24.52 -8.38
CA LEU A 175 -9.66 -24.44 -8.93
C LEU A 175 -8.64 -25.08 -7.99
N LEU A 176 -8.88 -25.03 -6.67
CA LEU A 176 -7.98 -25.65 -5.69
C LEU A 176 -7.91 -27.17 -5.88
N SER A 177 -8.99 -27.77 -6.38
CA SER A 177 -9.12 -29.22 -6.52
C SER A 177 -8.62 -29.74 -7.85
N THR A 178 -7.88 -28.95 -8.61
CA THR A 178 -7.48 -29.40 -9.93
C THR A 178 -6.41 -30.49 -9.80
N PRO A 179 -6.44 -31.52 -10.64
CA PRO A 179 -5.48 -32.63 -10.47
C PRO A 179 -4.02 -32.18 -10.43
N ALA A 180 -3.63 -31.22 -11.26
CA ALA A 180 -2.24 -30.73 -11.30
C ALA A 180 -1.78 -30.13 -9.98
N LEU A 181 -2.68 -29.83 -9.04
CA LEU A 181 -2.31 -29.25 -7.76
C LEU A 181 -2.57 -30.18 -6.58
N GLU A 182 -2.81 -31.46 -6.82
CA GLU A 182 -3.11 -32.38 -5.72
C GLU A 182 -1.93 -32.48 -4.78
N ALA A 183 -2.22 -32.39 -3.48
CA ALA A 183 -1.24 -32.40 -2.38
C ALA A 183 -0.21 -31.28 -2.49
N VAL A 184 -0.46 -30.23 -3.28
CA VAL A 184 0.54 -29.15 -3.38
C VAL A 184 0.43 -28.20 -2.20
N PHE A 185 -0.78 -27.75 -1.88
CA PHE A 185 -0.97 -26.69 -0.90
C PHE A 185 -1.36 -27.27 0.45
N THR A 186 -0.93 -26.57 1.53
CA THR A 186 -1.29 -27.01 2.87
C THR A 186 -2.73 -26.63 3.17
N ASP A 187 -3.28 -27.23 4.23
CA ASP A 187 -4.58 -26.80 4.74
C ASP A 187 -4.58 -25.30 5.03
N LEU A 188 -3.48 -24.77 5.56
CA LEU A 188 -3.46 -23.35 5.88
C LEU A 188 -3.51 -22.50 4.61
N GLU A 189 -2.81 -22.91 3.56
CA GLU A 189 -2.86 -22.17 2.30
C GLU A 189 -4.24 -22.26 1.65
N ILE A 190 -4.85 -23.44 1.69
CA ILE A 190 -6.22 -23.60 1.20
C ILE A 190 -7.17 -22.69 1.97
N LEU A 191 -7.05 -22.70 3.30
CA LEU A 191 -7.88 -21.82 4.12
C LEU A 191 -7.66 -20.37 3.74
N ALA A 192 -6.41 -19.98 3.51
CA ALA A 192 -6.09 -18.61 3.13
C ALA A 192 -6.74 -18.24 1.80
N ALA A 193 -6.65 -19.12 0.80
CA ALA A 193 -7.20 -18.79 -0.52
C ALA A 193 -8.71 -18.65 -0.48
N ILE A 194 -9.38 -19.54 0.26
CA ILE A 194 -10.83 -19.49 0.40
C ILE A 194 -11.25 -18.26 1.21
N PHE A 195 -10.58 -18.02 2.34
CA PHE A 195 -10.90 -16.83 3.13
C PHE A 195 -10.68 -15.55 2.31
N ALA A 196 -9.54 -15.44 1.62
CA ALA A 196 -9.30 -14.26 0.77
C ALA A 196 -10.41 -14.07 -0.27
N SER A 197 -10.84 -15.16 -0.91
CA SER A 197 -11.93 -15.05 -1.89
C SER A 197 -13.21 -14.50 -1.25
N ALA A 198 -13.51 -14.94 -0.03
CA ALA A 198 -14.74 -14.51 0.64
C ALA A 198 -14.74 -13.03 0.98
N ILE A 199 -13.59 -12.49 1.42
CA ILE A 199 -13.54 -11.09 1.84
C ILE A 199 -13.13 -10.15 0.71
N HIS A 200 -12.80 -10.67 -0.48
CA HIS A 200 -11.93 -9.92 -1.40
C HIS A 200 -12.58 -8.66 -1.95
N ASP A 201 -13.92 -8.55 -1.94
CA ASP A 201 -14.60 -7.32 -2.37
C ASP A 201 -15.54 -6.74 -1.29
N VAL A 202 -15.30 -7.01 0.00
CA VAL A 202 -16.30 -6.65 0.99
C VAL A 202 -16.40 -5.13 1.13
N ASP A 203 -17.63 -4.63 1.35
CA ASP A 203 -17.89 -3.20 1.46
C ASP A 203 -17.50 -2.45 0.18
N HIS A 204 -17.56 -3.14 -0.97
CA HIS A 204 -17.34 -2.46 -2.24
C HIS A 204 -18.49 -1.49 -2.47
N PRO A 205 -18.22 -0.22 -2.77
CA PRO A 205 -19.31 0.75 -2.98
C PRO A 205 -19.90 0.79 -4.38
N GLY A 206 -19.40 -0.03 -5.30
CA GLY A 206 -19.92 -0.04 -6.66
C GLY A 206 -19.26 0.91 -7.63
N VAL A 207 -18.14 1.54 -7.25
CA VAL A 207 -17.38 2.43 -8.13
C VAL A 207 -15.91 2.03 -8.09
N SER A 208 -15.19 2.36 -9.17
CA SER A 208 -13.81 1.93 -9.37
C SER A 208 -12.83 2.72 -8.50
N ASN A 209 -11.60 2.20 -8.39
CA ASN A 209 -10.53 2.94 -7.74
C ASN A 209 -10.33 4.32 -8.36
N GLN A 210 -10.33 4.38 -9.71
CA GLN A 210 -10.09 5.67 -10.37
C GLN A 210 -11.17 6.68 -10.01
N PHE A 211 -12.43 6.24 -9.96
CA PHE A 211 -13.51 7.12 -9.53
C PHE A 211 -13.27 7.65 -8.13
N LEU A 212 -12.89 6.76 -7.21
CA LEU A 212 -12.63 7.19 -5.84
C LEU A 212 -11.44 8.13 -5.76
N ILE A 213 -10.42 7.94 -6.62
CA ILE A 213 -9.31 8.89 -6.68
C ILE A 213 -9.79 10.24 -7.22
N ASN A 214 -10.56 10.21 -8.31
CA ASN A 214 -10.94 11.42 -9.03
C ASN A 214 -11.91 12.28 -8.24
N THR A 215 -12.69 11.68 -7.34
CA THR A 215 -13.68 12.41 -6.56
C THR A 215 -13.17 12.77 -5.16
N ASN A 216 -11.88 12.59 -4.90
CA ASN A 216 -11.27 12.89 -3.60
C ASN A 216 -12.05 12.24 -2.46
N SER A 217 -12.32 10.95 -2.61
CA SER A 217 -13.07 10.22 -1.59
C SER A 217 -12.25 10.08 -0.32
N GLU A 218 -12.96 9.81 0.79
CA GLU A 218 -12.28 9.44 2.03
C GLU A 218 -11.41 8.20 1.83
N LEU A 219 -11.90 7.20 1.09
CA LEU A 219 -11.13 5.97 0.89
C LEU A 219 -9.80 6.25 0.21
N ALA A 220 -9.82 7.05 -0.86
CA ALA A 220 -8.61 7.32 -1.61
C ALA A 220 -7.64 8.16 -0.79
N LEU A 221 -8.18 9.10 -0.02
CA LEU A 221 -7.36 9.86 0.92
C LEU A 221 -6.72 8.94 1.96
N MET A 222 -7.46 7.96 2.46
CA MET A 222 -6.90 7.09 3.50
C MET A 222 -5.76 6.23 2.94
N TYR A 223 -5.90 5.78 1.69
CA TYR A 223 -5.00 4.78 1.13
C TYR A 223 -4.06 5.34 0.08
N ASN A 224 -3.94 6.68 -0.04
CA ASN A 224 -2.93 7.31 -0.87
C ASN A 224 -2.97 6.81 -2.32
N ASP A 225 -4.20 6.65 -2.83
CA ASP A 225 -4.52 6.32 -4.22
C ASP A 225 -4.02 4.95 -4.69
N SER A 226 -3.51 4.09 -3.81
CA SER A 226 -2.87 2.84 -4.23
C SER A 226 -3.69 1.64 -3.79
N SER A 227 -4.21 0.87 -4.75
CA SER A 227 -5.09 -0.26 -4.47
C SER A 227 -6.11 0.09 -3.38
N VAL A 228 -6.82 1.21 -3.60
CA VAL A 228 -7.67 1.81 -2.57
C VAL A 228 -8.73 0.83 -2.10
N LEU A 229 -9.53 0.29 -3.02
CA LEU A 229 -10.57 -0.67 -2.67
C LEU A 229 -9.97 -1.92 -2.01
N GLU A 230 -8.90 -2.46 -2.58
CA GLU A 230 -8.41 -3.76 -2.14
C GLU A 230 -7.83 -3.68 -0.73
N ASN A 231 -7.17 -2.57 -0.40
CA ASN A 231 -6.75 -2.37 0.98
C ASN A 231 -7.96 -2.32 1.91
N HIS A 232 -9.01 -1.64 1.46
CA HIS A 232 -10.20 -1.50 2.28
C HIS A 232 -10.89 -2.85 2.48
N HIS A 233 -11.00 -3.66 1.42
CA HIS A 233 -11.63 -4.97 1.58
C HIS A 233 -10.90 -5.79 2.65
N LEU A 234 -9.56 -5.78 2.62
CA LEU A 234 -8.76 -6.46 3.62
C LEU A 234 -9.02 -5.92 5.01
N ALA A 235 -8.94 -4.60 5.18
CA ALA A 235 -9.13 -4.01 6.50
C ALA A 235 -10.49 -4.38 7.08
N VAL A 236 -11.55 -4.34 6.26
CA VAL A 236 -12.88 -4.71 6.76
C VAL A 236 -12.94 -6.21 7.06
N GLY A 237 -12.47 -7.04 6.13
CA GLY A 237 -12.52 -8.49 6.33
C GLY A 237 -11.83 -8.93 7.61
N PHE A 238 -10.66 -8.36 7.91
CA PHE A 238 -9.96 -8.72 9.14
C PHE A 238 -10.62 -8.11 10.37
N LYS A 239 -11.10 -6.85 10.28
CA LYS A 239 -11.71 -6.19 11.42
C LYS A 239 -12.93 -6.95 11.93
N LEU A 240 -13.76 -7.47 11.02
CA LEU A 240 -14.96 -8.17 11.45
C LEU A 240 -14.64 -9.43 12.24
N LEU A 241 -13.42 -9.96 12.14
CA LEU A 241 -13.05 -11.10 12.97
C LEU A 241 -13.05 -10.75 14.45
N GLN A 242 -12.99 -9.47 14.79
CA GLN A 242 -12.92 -9.05 16.17
C GLN A 242 -14.28 -8.77 16.78
N GLU A 243 -15.36 -8.90 16.00
CA GLU A 243 -16.71 -8.75 16.52
C GLU A 243 -17.08 -9.95 17.39
N GLU A 244 -18.14 -9.77 18.17
CA GLU A 244 -18.57 -10.77 19.14
C GLU A 244 -18.78 -12.14 18.48
N ASN A 245 -18.02 -13.13 18.96
CA ASN A 245 -18.10 -14.52 18.49
C ASN A 245 -17.83 -14.66 16.99
N CYS A 246 -16.89 -13.85 16.48
CA CYS A 246 -16.55 -13.86 15.06
C CYS A 246 -15.14 -14.31 14.74
N ASP A 247 -14.29 -14.61 15.72
CA ASP A 247 -12.90 -14.95 15.37
C ASP A 247 -12.82 -16.42 15.00
N ILE A 248 -13.01 -16.70 13.71
CA ILE A 248 -12.94 -18.07 13.22
C ILE A 248 -11.53 -18.64 13.28
N PHE A 249 -10.51 -17.81 13.50
CA PHE A 249 -9.15 -18.31 13.63
C PHE A 249 -8.67 -18.40 15.08
N GLN A 250 -9.61 -18.41 16.04
CA GLN A 250 -9.24 -18.35 17.46
C GLN A 250 -8.34 -19.51 17.91
N ASN A 251 -8.39 -20.66 17.23
CA ASN A 251 -7.60 -21.81 17.65
C ASN A 251 -6.40 -22.09 16.76
N LEU A 252 -6.06 -21.18 15.84
CA LEU A 252 -4.80 -21.30 15.13
C LEU A 252 -3.66 -20.88 16.05
N THR A 253 -2.47 -21.44 15.85
CA THR A 253 -1.30 -20.96 16.56
C THR A 253 -0.94 -19.55 16.08
N LYS A 254 -0.07 -18.84 16.82
CA LYS A 254 0.34 -17.52 16.37
C LYS A 254 1.06 -17.60 15.03
N LYS A 255 1.93 -18.60 14.85
CA LYS A 255 2.59 -18.73 13.55
C LYS A 255 1.56 -18.91 12.44
N GLN A 256 0.55 -19.77 12.68
CA GLN A 256 -0.49 -19.99 11.69
C GLN A 256 -1.23 -18.70 11.35
N ARG A 257 -1.66 -17.95 12.37
CA ARG A 257 -2.37 -16.70 12.13
C ARG A 257 -1.49 -15.72 11.36
N GLN A 258 -0.23 -15.57 11.78
CA GLN A 258 0.68 -14.65 11.11
C GLN A 258 0.87 -15.02 9.64
N SER A 259 1.15 -16.30 9.38
CA SER A 259 1.28 -16.75 8.00
C SER A 259 -0.02 -16.57 7.22
N LEU A 260 -1.15 -16.98 7.80
CA LEU A 260 -2.42 -16.82 7.10
C LEU A 260 -2.67 -15.35 6.77
N ARG A 261 -2.44 -14.45 7.74
CA ARG A 261 -2.72 -13.04 7.51
C ARG A 261 -1.90 -12.50 6.33
N LYS A 262 -0.61 -12.82 6.28
CA LYS A 262 0.22 -12.33 5.16
C LYS A 262 -0.23 -12.91 3.83
N MET A 263 -0.56 -14.22 3.80
CA MET A 263 -1.01 -14.81 2.55
C MET A 263 -2.31 -14.19 2.05
N VAL A 264 -3.25 -13.93 2.95
CA VAL A 264 -4.52 -13.31 2.58
C VAL A 264 -4.30 -11.91 1.99
N ILE A 265 -3.42 -11.12 2.64
CA ILE A 265 -3.10 -9.78 2.14
C ILE A 265 -2.50 -9.85 0.74
N ASP A 266 -1.49 -10.71 0.57
CA ASP A 266 -0.83 -10.89 -0.74
C ASP A 266 -1.84 -11.30 -1.81
N ILE A 267 -2.84 -12.11 -1.45
CA ILE A 267 -3.79 -12.55 -2.45
C ILE A 267 -4.77 -11.42 -2.80
N VAL A 268 -5.37 -10.80 -1.79
CA VAL A 268 -6.39 -9.80 -2.09
C VAL A 268 -5.78 -8.59 -2.79
N LEU A 269 -4.55 -8.19 -2.44
CA LEU A 269 -3.96 -7.04 -3.12
C LEU A 269 -3.74 -7.32 -4.61
N ALA A 270 -3.53 -8.59 -4.96
CA ALA A 270 -3.33 -8.99 -6.35
C ALA A 270 -4.61 -9.03 -7.16
N THR A 271 -5.79 -8.85 -6.54
CA THR A 271 -7.01 -8.76 -7.33
C THR A 271 -7.19 -7.38 -7.94
N ASP A 272 -6.39 -6.40 -7.54
CA ASP A 272 -6.42 -5.08 -8.17
C ASP A 272 -6.08 -5.21 -9.66
N MET A 273 -7.03 -4.85 -10.54
CA MET A 273 -6.79 -4.99 -11.98
C MET A 273 -5.58 -4.21 -12.46
N SER A 274 -5.11 -3.19 -11.73
CA SER A 274 -3.93 -2.51 -12.23
C SER A 274 -2.67 -3.35 -12.05
N LYS A 275 -2.76 -4.47 -11.32
CA LYS A 275 -1.65 -5.41 -11.19
C LYS A 275 -1.70 -6.51 -12.23
N HIS A 276 -2.75 -6.58 -13.06
CA HIS A 276 -3.00 -7.76 -13.88
C HIS A 276 -1.87 -8.03 -14.87
N MET A 277 -1.40 -6.99 -15.55
CA MET A 277 -0.40 -7.22 -16.60
C MET A 277 0.87 -7.82 -16.02
N ASN A 278 1.38 -7.24 -14.93
CA ASN A 278 2.57 -7.79 -14.29
C ASN A 278 2.30 -9.19 -13.73
N LEU A 279 1.13 -9.38 -13.12
CA LEU A 279 0.75 -10.69 -12.62
C LEU A 279 0.72 -11.73 -13.73
N LEU A 280 0.14 -11.38 -14.89
CA LEU A 280 0.09 -12.33 -16.00
C LEU A 280 1.48 -12.58 -16.59
N ALA A 281 2.29 -11.52 -16.71
CA ALA A 281 3.66 -11.67 -17.19
C ALA A 281 4.44 -12.64 -16.32
N ASP A 282 4.31 -12.55 -14.99
CA ASP A 282 5.02 -13.48 -14.11
C ASP A 282 4.49 -14.89 -14.26
N LEU A 283 3.17 -15.03 -14.41
CA LEU A 283 2.59 -16.36 -14.54
C LEU A 283 3.05 -17.04 -15.83
N LYS A 284 3.17 -16.27 -16.91
CA LYS A 284 3.75 -16.80 -18.14
C LYS A 284 5.16 -17.32 -17.90
N THR A 285 5.99 -16.54 -17.19
CA THR A 285 7.35 -16.98 -16.92
C THR A 285 7.35 -18.31 -16.15
N MET A 286 6.49 -18.41 -15.13
CA MET A 286 6.36 -19.67 -14.40
C MET A 286 5.97 -20.82 -15.31
N VAL A 287 5.01 -20.61 -16.21
CA VAL A 287 4.59 -21.70 -17.11
C VAL A 287 5.75 -22.13 -18.01
N GLU A 288 6.51 -21.16 -18.52
CA GLU A 288 7.61 -21.47 -19.42
C GLU A 288 8.73 -22.24 -18.71
N THR A 289 8.88 -22.08 -17.39
CA THR A 289 9.94 -22.70 -16.62
C THR A 289 9.41 -23.69 -15.58
N LYS A 290 8.19 -24.20 -15.77
CA LYS A 290 7.54 -24.95 -14.71
C LYS A 290 8.21 -26.30 -14.51
N LYS A 291 8.22 -26.74 -13.25
CA LYS A 291 8.67 -28.06 -12.86
C LYS A 291 7.50 -28.85 -12.30
N VAL A 292 7.45 -30.15 -12.63
CA VAL A 292 6.47 -31.05 -12.06
C VAL A 292 7.20 -32.17 -11.34
N THR A 293 6.48 -32.86 -10.46
CA THR A 293 7.03 -33.96 -9.68
C THR A 293 6.93 -35.26 -10.48
N SER A 294 7.47 -36.33 -9.89
CA SER A 294 7.34 -37.68 -10.46
C SER A 294 5.89 -38.15 -10.49
N SER A 295 5.02 -37.57 -9.66
CA SER A 295 3.58 -37.84 -9.74
C SER A 295 2.86 -36.93 -10.74
N GLY A 296 3.58 -36.05 -11.45
CA GLY A 296 2.98 -35.22 -12.48
C GLY A 296 2.35 -33.94 -11.97
N VAL A 297 2.61 -33.56 -10.73
CA VAL A 297 1.94 -32.45 -10.08
C VAL A 297 2.92 -31.29 -9.96
N LEU A 298 2.39 -30.07 -9.97
CA LEU A 298 3.24 -28.88 -9.99
C LEU A 298 4.15 -28.85 -8.77
N LEU A 299 5.41 -28.49 -9.00
CA LEU A 299 6.41 -28.42 -7.94
C LEU A 299 6.64 -26.95 -7.60
N LEU A 300 6.38 -26.57 -6.35
CA LEU A 300 6.48 -25.18 -5.88
C LEU A 300 7.41 -25.13 -4.67
N ASP A 301 8.63 -24.65 -4.89
CA ASP A 301 9.76 -24.77 -3.96
C ASP A 301 9.68 -23.81 -2.78
N ASN A 302 9.03 -22.66 -2.96
CA ASN A 302 9.29 -21.51 -2.11
C ASN A 302 8.03 -20.66 -2.02
N TYR A 303 8.00 -19.78 -1.02
CA TYR A 303 6.83 -18.93 -0.83
C TYR A 303 6.48 -18.16 -2.09
N SER A 304 7.50 -17.55 -2.72
CA SER A 304 7.27 -16.68 -3.88
C SER A 304 6.49 -17.39 -4.97
N ASP A 305 6.83 -18.65 -5.29
CA ASP A 305 6.10 -19.40 -6.30
C ASP A 305 4.73 -19.85 -5.81
N ARG A 306 4.65 -20.28 -4.55
CA ARG A 306 3.37 -20.73 -4.00
C ARG A 306 2.37 -19.59 -3.95
N ILE A 307 2.78 -18.42 -3.45
CA ILE A 307 1.82 -17.31 -3.34
C ILE A 307 1.46 -16.81 -4.73
N GLN A 308 2.41 -16.87 -5.68
CA GLN A 308 2.12 -16.43 -7.04
C GLN A 308 0.99 -17.25 -7.66
N VAL A 309 1.03 -18.57 -7.47
CA VAL A 309 -0.03 -19.45 -7.96
C VAL A 309 -1.35 -19.17 -7.27
N LEU A 310 -1.35 -18.97 -5.95
CA LEU A 310 -2.59 -18.66 -5.26
C LEU A 310 -3.12 -17.26 -5.65
N GLN A 311 -2.21 -16.32 -5.89
CA GLN A 311 -2.62 -15.00 -6.35
C GLN A 311 -3.32 -15.08 -7.71
N ASN A 312 -2.74 -15.83 -8.65
CA ASN A 312 -3.35 -15.98 -9.96
C ASN A 312 -4.58 -16.86 -9.91
N MET A 313 -4.62 -17.82 -8.98
CA MET A 313 -5.81 -18.66 -8.86
C MET A 313 -7.03 -17.82 -8.49
N VAL A 314 -6.90 -16.94 -7.50
CA VAL A 314 -8.04 -16.14 -7.06
C VAL A 314 -8.36 -15.06 -8.09
N HIS A 315 -7.32 -14.54 -8.76
CA HIS A 315 -7.53 -13.60 -9.86
C HIS A 315 -8.32 -14.24 -11.00
N CYS A 316 -7.99 -15.48 -11.37
CA CYS A 316 -8.77 -16.22 -12.37
C CYS A 316 -10.20 -16.41 -11.91
N ALA A 317 -10.40 -16.78 -10.65
CA ALA A 317 -11.76 -16.96 -10.14
C ALA A 317 -12.54 -15.64 -10.21
N ASP A 318 -11.87 -14.54 -9.89
CA ASP A 318 -12.47 -13.20 -9.99
C ASP A 318 -12.86 -12.89 -11.44
N LEU A 319 -12.05 -13.33 -12.39
CA LEU A 319 -12.31 -13.12 -13.81
C LEU A 319 -12.87 -14.37 -14.47
N SER A 320 -13.69 -15.14 -13.76
CA SER A 320 -14.21 -16.39 -14.30
C SER A 320 -15.57 -16.28 -14.98
N ASN A 321 -16.26 -15.12 -14.88
CA ASN A 321 -17.62 -15.03 -15.44
C ASN A 321 -17.68 -15.47 -16.90
N PRO A 322 -16.79 -15.01 -17.80
CA PRO A 322 -16.90 -15.43 -19.21
C PRO A 322 -16.58 -16.90 -19.44
N THR A 323 -16.06 -17.62 -18.45
CA THR A 323 -15.81 -19.04 -18.62
C THR A 323 -17.00 -19.90 -18.20
N LYS A 324 -18.04 -19.31 -17.62
CA LYS A 324 -19.16 -20.05 -17.08
C LYS A 324 -20.20 -20.30 -18.16
N PRO A 325 -21.06 -21.31 -17.99
CA PRO A 325 -22.19 -21.51 -18.90
C PRO A 325 -22.89 -20.20 -19.21
N LEU A 326 -23.35 -20.07 -20.46
CA LEU A 326 -23.71 -18.76 -21.00
C LEU A 326 -24.82 -18.09 -20.19
N GLN A 327 -25.78 -18.86 -19.66
CA GLN A 327 -26.85 -18.23 -18.90
C GLN A 327 -26.33 -17.62 -17.59
N LEU A 328 -25.24 -18.14 -17.03
CA LEU A 328 -24.60 -17.48 -15.89
C LEU A 328 -23.83 -16.25 -16.36
N TYR A 329 -22.97 -16.44 -17.37
CA TYR A 329 -22.16 -15.35 -17.91
C TYR A 329 -23.02 -14.14 -18.24
N ARG A 330 -24.13 -14.35 -18.95
CA ARG A 330 -24.96 -13.21 -19.36
C ARG A 330 -25.55 -12.48 -18.14
N GLN A 331 -25.91 -13.20 -17.09
CA GLN A 331 -26.41 -12.48 -15.92
C GLN A 331 -25.31 -11.64 -15.25
N TRP A 332 -24.07 -12.15 -15.21
CA TRP A 332 -22.96 -11.35 -14.71
C TRP A 332 -22.74 -10.11 -15.55
N THR A 333 -22.88 -10.23 -16.88
CA THR A 333 -22.68 -9.06 -17.74
C THR A 333 -23.76 -8.00 -17.53
N ASP A 334 -25.03 -8.43 -17.44
CA ASP A 334 -26.11 -7.52 -17.08
C ASP A 334 -25.77 -6.75 -15.80
N ARG A 335 -25.24 -7.43 -14.79
CA ARG A 335 -24.97 -6.77 -13.52
C ARG A 335 -23.78 -5.82 -13.59
N ILE A 336 -22.67 -6.23 -14.21
CA ILE A 336 -21.54 -5.30 -14.28
C ILE A 336 -21.90 -4.06 -15.08
N MET A 337 -22.71 -4.21 -16.12
CA MET A 337 -23.09 -3.06 -16.95
C MET A 337 -23.99 -2.09 -16.17
N GLU A 338 -24.92 -2.62 -15.37
CA GLU A 338 -25.72 -1.74 -14.53
C GLU A 338 -24.86 -0.97 -13.53
N GLU A 339 -23.86 -1.64 -12.97
CA GLU A 339 -22.95 -0.97 -12.05
C GLU A 339 -22.15 0.10 -12.77
N PHE A 340 -21.58 -0.23 -13.93
CA PHE A 340 -20.85 0.74 -14.73
C PHE A 340 -21.73 1.93 -15.09
N PHE A 341 -22.95 1.65 -15.58
CA PHE A 341 -23.84 2.74 -16.00
C PHE A 341 -24.16 3.67 -14.83
N ARG A 342 -24.40 3.08 -13.65
CA ARG A 342 -24.68 3.85 -12.46
C ARG A 342 -23.50 4.68 -11.99
N GLN A 343 -22.26 4.25 -12.27
CA GLN A 343 -21.12 5.11 -11.98
C GLN A 343 -21.00 6.21 -13.02
N GLY A 344 -21.29 5.88 -14.28
CA GLY A 344 -21.26 6.90 -15.33
C GLY A 344 -22.29 7.98 -15.13
N ASP A 345 -23.45 7.63 -14.55
CA ASP A 345 -24.44 8.63 -14.19
C ASP A 345 -23.86 9.65 -13.22
N ARG A 346 -23.25 9.17 -12.13
CA ARG A 346 -22.58 10.07 -11.18
C ARG A 346 -21.52 10.93 -11.86
N GLU A 347 -20.71 10.31 -12.73
CA GLU A 347 -19.68 11.07 -13.43
C GLU A 347 -20.27 12.14 -14.33
N ARG A 348 -21.25 11.76 -15.17
CA ARG A 348 -21.84 12.72 -16.11
C ARG A 348 -22.50 13.87 -15.36
N GLU A 349 -23.08 13.59 -14.19
CA GLU A 349 -23.57 14.65 -13.32
C GLU A 349 -22.47 15.67 -13.00
N ARG A 350 -21.34 15.18 -12.50
CA ARG A 350 -20.26 16.04 -12.02
C ARG A 350 -19.46 16.71 -13.14
N GLY A 351 -19.91 16.64 -14.39
CA GLY A 351 -19.14 17.25 -15.46
C GLY A 351 -17.83 16.53 -15.71
N MET A 352 -17.65 15.39 -15.05
CA MET A 352 -16.51 14.53 -15.33
C MET A 352 -16.74 13.80 -16.65
N GLU A 353 -15.66 13.52 -17.36
CA GLU A 353 -15.75 12.64 -18.51
C GLU A 353 -16.11 11.23 -18.04
N ILE A 354 -17.17 10.69 -18.64
CA ILE A 354 -17.58 9.33 -18.34
C ILE A 354 -16.46 8.36 -18.71
N SER A 355 -16.22 7.38 -17.82
CA SER A 355 -15.16 6.41 -18.02
C SER A 355 -15.55 5.47 -19.16
N PRO A 356 -14.59 4.76 -19.76
CA PRO A 356 -14.97 3.84 -20.85
C PRO A 356 -16.02 2.86 -20.34
N MET A 357 -17.09 2.72 -21.12
CA MET A 357 -18.16 1.73 -20.94
C MET A 357 -19.15 2.11 -19.85
N CYS A 358 -19.07 3.31 -19.29
CA CYS A 358 -20.02 3.72 -18.27
C CYS A 358 -21.09 4.65 -18.81
N ASP A 359 -21.07 4.92 -20.11
CA ASP A 359 -22.05 5.80 -20.76
C ASP A 359 -23.16 4.93 -21.33
N LYS A 360 -24.30 4.88 -20.64
CA LYS A 360 -25.43 4.09 -21.14
C LYS A 360 -25.97 4.64 -22.45
N HIS A 361 -25.81 5.93 -22.73
CA HIS A 361 -26.24 6.52 -24.00
C HIS A 361 -25.24 6.27 -25.13
N ASN A 362 -24.13 5.60 -24.84
CA ASN A 362 -23.11 5.37 -25.85
C ASN A 362 -22.27 4.14 -25.48
N ALA A 363 -22.92 3.13 -24.93
CA ALA A 363 -22.25 1.88 -24.58
C ALA A 363 -22.40 0.86 -25.70
N SER A 364 -21.43 -0.04 -25.78
CA SER A 364 -21.46 -1.16 -26.72
C SER A 364 -21.19 -2.44 -25.93
N VAL A 365 -22.25 -3.05 -25.38
CA VAL A 365 -22.08 -4.14 -24.40
C VAL A 365 -21.36 -5.34 -25.03
N GLU A 366 -21.86 -5.78 -26.20
CA GLU A 366 -21.31 -6.98 -26.82
C GLU A 366 -19.86 -6.79 -27.27
N LYS A 367 -19.55 -5.66 -27.91
CA LYS A 367 -18.18 -5.46 -28.36
C LYS A 367 -17.22 -5.34 -27.19
N SER A 368 -17.70 -4.75 -26.07
CA SER A 368 -16.88 -4.62 -24.88
C SER A 368 -16.58 -5.98 -24.26
N GLN A 369 -17.57 -6.89 -24.25
CA GLN A 369 -17.29 -8.23 -23.73
C GLN A 369 -16.28 -8.95 -24.61
N VAL A 370 -16.39 -8.81 -25.94
CA VAL A 370 -15.42 -9.45 -26.83
C VAL A 370 -14.00 -8.91 -26.56
N GLY A 371 -13.87 -7.60 -26.37
CA GLY A 371 -12.54 -7.05 -26.08
C GLY A 371 -12.03 -7.43 -24.70
N PHE A 372 -12.93 -7.50 -23.73
CA PHE A 372 -12.60 -7.98 -22.39
C PHE A 372 -12.01 -9.39 -22.44
N ILE A 373 -12.67 -10.30 -23.17
CA ILE A 373 -12.14 -11.65 -23.31
C ILE A 373 -10.82 -11.64 -24.07
N ASP A 374 -10.75 -10.88 -25.18
CA ASP A 374 -9.61 -10.95 -26.08
C ASP A 374 -8.33 -10.41 -25.44
N TYR A 375 -8.42 -9.30 -24.68
CA TYR A 375 -7.26 -8.64 -24.13
C TYR A 375 -7.00 -8.92 -22.65
N ILE A 376 -7.92 -9.57 -21.93
CA ILE A 376 -7.74 -9.79 -20.50
C ILE A 376 -8.03 -11.24 -20.13
N VAL A 377 -9.27 -11.66 -20.34
CA VAL A 377 -9.73 -12.91 -19.73
C VAL A 377 -9.13 -14.12 -20.43
N HIS A 378 -9.12 -14.12 -21.77
CA HIS A 378 -8.55 -15.28 -22.46
C HIS A 378 -7.02 -15.35 -22.31
N PRO A 379 -6.26 -14.25 -22.43
CA PRO A 379 -4.81 -14.37 -22.15
C PRO A 379 -4.52 -14.93 -20.76
N LEU A 380 -5.30 -14.54 -19.76
CA LEU A 380 -5.13 -15.10 -18.42
C LEU A 380 -5.51 -16.57 -18.38
N TRP A 381 -6.71 -16.93 -18.86
CA TRP A 381 -7.17 -18.30 -18.70
C TRP A 381 -6.41 -19.27 -19.60
N GLU A 382 -5.92 -18.80 -20.74
CA GLU A 382 -5.05 -19.63 -21.57
C GLU A 382 -3.73 -19.94 -20.86
N THR A 383 -3.20 -18.97 -20.11
CA THR A 383 -1.96 -19.21 -19.37
C THR A 383 -2.22 -20.12 -18.17
N TRP A 384 -3.31 -19.89 -17.43
CA TRP A 384 -3.68 -20.82 -16.37
C TRP A 384 -3.90 -22.23 -16.92
N ALA A 385 -4.58 -22.35 -18.06
CA ALA A 385 -4.79 -23.68 -18.65
C ALA A 385 -3.46 -24.36 -18.94
N ASP A 386 -2.47 -23.61 -19.46
CA ASP A 386 -1.13 -24.17 -19.69
C ASP A 386 -0.50 -24.64 -18.38
N LEU A 387 -0.67 -23.87 -17.30
CA LEU A 387 -0.06 -24.22 -16.03
C LEU A 387 -0.55 -25.58 -15.53
N VAL A 388 -1.83 -25.88 -15.71
CA VAL A 388 -2.46 -27.07 -15.16
C VAL A 388 -2.88 -28.04 -16.26
N HIS A 389 -2.29 -27.91 -17.45
CA HIS A 389 -2.71 -28.66 -18.62
C HIS A 389 -2.72 -30.18 -18.33
N PRO A 390 -3.82 -30.86 -18.70
CA PRO A 390 -4.98 -30.32 -19.41
C PRO A 390 -6.22 -30.12 -18.54
N ASP A 391 -6.02 -29.87 -17.23
CA ASP A 391 -7.14 -29.84 -16.29
C ASP A 391 -8.23 -28.85 -16.70
N ALA A 392 -7.86 -27.70 -17.25
CA ALA A 392 -8.80 -26.61 -17.50
C ALA A 392 -9.32 -26.54 -18.95
N GLN A 393 -9.22 -27.63 -19.72
CA GLN A 393 -9.56 -27.53 -21.13
C GLN A 393 -11.04 -27.24 -21.36
N ASP A 394 -11.93 -27.82 -20.55
CA ASP A 394 -13.36 -27.58 -20.72
C ASP A 394 -13.73 -26.14 -20.36
N ILE A 395 -13.06 -25.58 -19.36
CA ILE A 395 -13.28 -24.19 -18.98
C ILE A 395 -12.82 -23.27 -20.10
N LEU A 396 -11.61 -23.53 -20.61
CA LEU A 396 -11.11 -22.71 -21.73
C LEU A 396 -12.00 -22.87 -22.96
N ASP A 397 -12.49 -24.09 -23.23
CA ASP A 397 -13.41 -24.29 -24.35
C ASP A 397 -14.69 -23.49 -24.16
N THR A 398 -15.23 -23.48 -22.94
CA THR A 398 -16.44 -22.69 -22.71
C THR A 398 -16.17 -21.22 -22.96
N LEU A 399 -15.05 -20.71 -22.44
CA LEU A 399 -14.69 -19.31 -22.68
C LEU A 399 -14.64 -18.99 -24.17
N GLU A 400 -14.01 -19.87 -24.96
CA GLU A 400 -13.92 -19.58 -26.39
C GLU A 400 -15.29 -19.61 -27.05
N ASP A 401 -16.15 -20.56 -26.68
CA ASP A 401 -17.50 -20.57 -27.23
C ASP A 401 -18.26 -19.30 -26.87
N ASN A 402 -18.14 -18.86 -25.61
CA ASN A 402 -18.87 -17.67 -25.19
C ASN A 402 -18.36 -16.45 -25.94
N ARG A 403 -17.06 -16.39 -26.20
CA ARG A 403 -16.51 -15.30 -27.01
C ARG A 403 -17.11 -15.32 -28.42
N GLU A 404 -17.10 -16.49 -29.06
CA GLU A 404 -17.75 -16.65 -30.35
C GLU A 404 -19.21 -16.20 -30.31
N TRP A 405 -19.93 -16.55 -29.24
CA TRP A 405 -21.34 -16.17 -29.17
C TRP A 405 -21.49 -14.65 -29.11
N TYR A 406 -20.79 -13.99 -28.17
CA TYR A 406 -20.92 -12.54 -28.07
C TYR A 406 -20.51 -11.84 -29.37
N GLN A 407 -19.47 -12.35 -30.03
CA GLN A 407 -19.04 -11.81 -31.32
C GLN A 407 -20.14 -11.94 -32.37
N SER A 408 -20.81 -13.10 -32.42
CA SER A 408 -21.88 -13.32 -33.39
C SER A 408 -23.05 -12.34 -33.22
N THR A 409 -23.18 -11.71 -32.05
CA THR A 409 -24.24 -10.74 -31.79
C THR A 409 -23.79 -9.30 -32.05
N ILE A 410 -22.81 -9.09 -32.92
CA ILE A 410 -22.38 -7.73 -33.24
C ILE A 410 -22.89 -7.35 -34.63
N ASP B 90 13.38 37.96 16.92
CA ASP B 90 14.47 38.94 16.82
C ASP B 90 15.84 38.25 16.82
N VAL B 91 16.18 37.58 17.92
CA VAL B 91 17.23 36.55 17.88
C VAL B 91 16.78 35.40 16.99
N LEU B 92 15.50 35.05 17.07
CA LEU B 92 14.91 34.12 16.12
C LEU B 92 15.17 34.55 14.70
N ALA B 93 14.89 35.82 14.39
CA ALA B 93 15.16 36.34 13.05
C ALA B 93 16.62 36.18 12.68
N LYS B 94 17.52 36.24 13.68
CA LYS B 94 18.94 36.10 13.42
C LYS B 94 19.35 34.66 13.16
N GLU B 95 18.81 33.71 13.95
CA GLU B 95 19.15 32.30 13.73
C GLU B 95 18.69 31.83 12.35
N LEU B 96 17.53 32.32 11.89
CA LEU B 96 16.99 31.92 10.60
C LEU B 96 17.86 32.35 9.43
N GLU B 97 18.78 33.30 9.65
CA GLU B 97 19.72 33.68 8.59
C GLU B 97 20.59 32.54 8.15
N ASP B 98 20.64 31.45 8.91
CA ASP B 98 21.39 30.24 8.57
C ASP B 98 20.54 29.21 7.84
N VAL B 99 19.34 29.59 7.38
CA VAL B 99 18.41 28.65 6.79
C VAL B 99 19.00 27.90 5.61
N ASN B 100 20.01 28.46 4.96
CA ASN B 100 20.66 27.78 3.83
C ASN B 100 21.88 26.97 4.25
N LYS B 101 22.17 26.85 5.53
CA LYS B 101 23.39 26.21 5.98
C LYS B 101 23.11 24.86 6.67
N TRP B 102 23.94 23.89 6.32
CA TRP B 102 23.96 22.59 7.00
C TRP B 102 24.46 22.78 8.43
N GLY B 103 23.67 22.30 9.39
CA GLY B 103 23.95 22.56 10.79
C GLY B 103 23.21 23.72 11.38
N LEU B 104 22.11 24.14 10.76
CA LEU B 104 21.23 25.15 11.33
C LEU B 104 20.94 24.84 12.80
N HIS B 105 20.75 25.89 13.59
CA HIS B 105 20.55 25.76 15.04
C HIS B 105 19.08 25.51 15.34
N VAL B 106 18.62 24.31 14.94
CA VAL B 106 17.19 24.01 14.92
C VAL B 106 16.61 23.89 16.33
N PHE B 107 17.39 23.43 17.31
CA PHE B 107 16.86 23.39 18.67
C PHE B 107 16.69 24.79 19.24
N ARG B 108 17.66 25.68 18.98
CA ARG B 108 17.51 27.09 19.33
C ARG B 108 16.24 27.67 18.72
N ILE B 109 16.05 27.44 17.42
CA ILE B 109 14.90 28.00 16.72
C ILE B 109 13.61 27.44 17.29
N ALA B 110 13.62 26.17 17.71
CA ALA B 110 12.45 25.59 18.36
C ALA B 110 12.16 26.31 19.67
N GLU B 111 13.19 26.55 20.48
CA GLU B 111 13.04 27.29 21.73
C GLU B 111 12.52 28.70 21.46
N LEU B 112 13.18 29.42 20.55
CA LEU B 112 12.88 30.83 20.32
C LEU B 112 11.55 31.07 19.61
N SER B 113 10.94 30.05 19.00
CA SER B 113 9.70 30.24 18.26
C SER B 113 8.46 29.84 19.05
N GLY B 114 8.61 29.46 20.31
CA GLY B 114 7.46 28.99 21.07
C GLY B 114 7.04 27.59 20.67
N ASN B 115 8.03 26.71 20.41
CA ASN B 115 7.78 25.37 19.90
C ASN B 115 7.06 25.39 18.55
N ARG B 116 7.52 26.28 17.67
CA ARG B 116 6.99 26.35 16.30
C ARG B 116 8.11 26.32 15.26
N PRO B 117 9.12 25.46 15.42
CA PRO B 117 10.19 25.44 14.40
C PRO B 117 9.69 25.01 13.04
N LEU B 118 8.72 24.10 12.97
CA LEU B 118 8.23 23.68 11.66
C LEU B 118 7.54 24.84 10.95
N THR B 119 6.66 25.54 11.65
CA THR B 119 5.96 26.68 11.05
C THR B 119 6.94 27.75 10.59
N VAL B 120 7.87 28.16 11.47
CA VAL B 120 8.73 29.28 11.09
C VAL B 120 9.78 28.87 10.06
N ILE B 121 10.26 27.63 10.09
CA ILE B 121 11.28 27.24 9.12
C ILE B 121 10.66 27.01 7.74
N MET B 122 9.45 26.42 7.70
CA MET B 122 8.74 26.28 6.42
C MET B 122 8.38 27.64 5.83
N HIS B 123 7.88 28.55 6.67
CA HIS B 123 7.55 29.89 6.20
C HIS B 123 8.76 30.60 5.63
N THR B 124 9.89 30.53 6.34
CA THR B 124 11.14 31.11 5.84
C THR B 124 11.56 30.48 4.52
N ILE B 125 11.52 29.15 4.43
CA ILE B 125 12.00 28.48 3.22
C ILE B 125 11.08 28.80 2.04
N PHE B 126 9.78 28.90 2.29
CA PHE B 126 8.86 29.29 1.23
C PHE B 126 9.16 30.70 0.74
N GLN B 127 9.23 31.67 1.67
CA GLN B 127 9.60 33.04 1.32
C GLN B 127 10.94 33.09 0.61
N GLU B 128 11.95 32.39 1.14
CA GLU B 128 13.26 32.34 0.52
C GLU B 128 13.18 31.82 -0.93
N ARG B 129 12.35 30.82 -1.17
CA ARG B 129 12.25 30.20 -2.50
C ARG B 129 11.17 30.82 -3.37
N ASP B 130 10.49 31.86 -2.89
CA ASP B 130 9.49 32.60 -3.65
C ASP B 130 8.26 31.75 -3.98
N LEU B 131 7.99 30.70 -3.19
CA LEU B 131 6.94 29.74 -3.51
C LEU B 131 5.54 30.30 -3.28
N LEU B 132 5.38 31.29 -2.40
CA LEU B 132 4.05 31.87 -2.21
C LEU B 132 3.58 32.57 -3.48
N LYS B 133 4.48 33.28 -4.17
CA LYS B 133 4.06 33.99 -5.38
C LYS B 133 3.91 33.02 -6.54
N THR B 134 4.92 32.16 -6.74
CA THR B 134 4.88 31.18 -7.82
C THR B 134 3.57 30.40 -7.83
N PHE B 135 3.11 29.96 -6.65
CA PHE B 135 1.96 29.08 -6.54
C PHE B 135 0.76 29.78 -5.90
N LYS B 136 0.80 31.11 -5.82
CA LYS B 136 -0.29 31.93 -5.29
C LYS B 136 -0.88 31.34 -4.01
N ILE B 137 0.00 31.10 -3.05
CA ILE B 137 -0.39 30.63 -1.72
C ILE B 137 -0.61 31.85 -0.83
N PRO B 138 -1.84 32.10 -0.35
CA PRO B 138 -2.04 33.18 0.61
C PRO B 138 -1.26 32.90 1.89
N VAL B 139 -0.56 33.93 2.39
CA VAL B 139 0.36 33.72 3.52
C VAL B 139 -0.40 33.24 4.74
N ASP B 140 -1.60 33.77 4.97
CA ASP B 140 -2.41 33.32 6.11
C ASP B 140 -2.83 31.87 5.95
N THR B 141 -3.04 31.41 4.71
CA THR B 141 -3.37 30.00 4.47
C THR B 141 -2.15 29.13 4.70
N LEU B 142 -0.97 29.57 4.24
CA LEU B 142 0.26 28.86 4.55
C LEU B 142 0.47 28.74 6.05
N ILE B 143 0.28 29.84 6.79
CA ILE B 143 0.54 29.84 8.23
C ILE B 143 -0.48 28.98 8.94
N THR B 144 -1.75 29.11 8.55
CA THR B 144 -2.80 28.30 9.16
C THR B 144 -2.51 26.80 8.98
N TYR B 145 -2.13 26.39 7.76
CA TYR B 145 -1.87 24.98 7.53
C TYR B 145 -0.66 24.51 8.34
N LEU B 146 0.43 25.29 8.29
CA LEU B 146 1.65 24.90 8.99
C LEU B 146 1.42 24.72 10.48
N MET B 147 0.59 25.57 11.09
CA MET B 147 0.34 25.45 12.52
C MET B 147 -0.53 24.23 12.84
N THR B 148 -1.52 23.96 12.00
CA THR B 148 -2.31 22.73 12.20
C THR B 148 -1.45 21.49 12.01
N LEU B 149 -0.62 21.48 10.96
CA LEU B 149 0.31 20.38 10.74
C LEU B 149 1.21 20.17 11.96
N GLU B 150 1.90 21.23 12.38
CA GLU B 150 2.78 21.16 13.55
C GLU B 150 2.03 20.67 14.78
N ASP B 151 0.78 21.11 14.95
CA ASP B 151 -0.03 20.65 16.09
C ASP B 151 -0.28 19.15 16.05
N HIS B 152 -0.17 18.52 14.89
CA HIS B 152 -0.41 17.09 14.82
C HIS B 152 0.86 16.26 14.94
N TYR B 153 2.00 16.91 15.12
CA TYR B 153 3.18 16.25 15.67
C TYR B 153 3.09 16.21 17.19
N HIS B 154 3.37 15.04 17.77
CA HIS B 154 3.18 14.84 19.20
C HIS B 154 4.30 15.51 19.99
N ALA B 155 3.93 16.39 20.92
CA ALA B 155 4.93 17.06 21.75
C ALA B 155 5.56 16.14 22.80
N ASP B 156 4.93 15.02 23.14
CA ASP B 156 5.48 14.09 24.14
C ASP B 156 6.25 12.93 23.52
N VAL B 157 6.62 13.04 22.25
CA VAL B 157 7.41 12.04 21.54
C VAL B 157 8.82 12.62 21.36
N ALA B 158 9.85 11.90 21.85
CA ALA B 158 11.18 12.50 22.05
C ALA B 158 11.90 12.80 20.73
N TYR B 159 11.75 11.94 19.72
CA TYR B 159 12.45 12.14 18.46
C TYR B 159 11.50 12.52 17.33
N HIS B 160 10.48 11.70 17.06
CA HIS B 160 9.64 11.91 15.88
C HIS B 160 8.58 12.98 16.17
N ASN B 161 9.06 14.22 16.31
CA ASN B 161 8.18 15.33 16.63
C ASN B 161 8.38 16.47 15.63
N ASN B 162 7.84 17.65 15.94
CA ASN B 162 7.92 18.78 15.03
C ASN B 162 9.35 19.26 14.81
N ILE B 163 10.25 19.03 15.77
CA ILE B 163 11.64 19.46 15.59
C ILE B 163 12.33 18.60 14.55
N HIS B 164 12.05 17.30 14.56
CA HIS B 164 12.59 16.44 13.51
C HIS B 164 12.00 16.81 12.15
N ALA B 165 10.70 17.11 12.11
CA ALA B 165 10.09 17.55 10.85
C ALA B 165 10.75 18.81 10.33
N ALA B 166 10.89 19.82 11.18
CA ALA B 166 11.56 21.05 10.78
C ALA B 166 12.97 20.76 10.28
N ASP B 167 13.67 19.83 10.94
CA ASP B 167 15.05 19.50 10.59
C ASP B 167 15.13 18.82 9.23
N VAL B 168 14.22 17.87 8.95
CA VAL B 168 14.26 17.20 7.65
C VAL B 168 13.90 18.18 6.53
N VAL B 169 12.92 19.05 6.80
CA VAL B 169 12.56 20.12 5.86
C VAL B 169 13.78 20.93 5.48
N GLN B 170 14.40 21.56 6.49
CA GLN B 170 15.54 22.41 6.23
C GLN B 170 16.69 21.65 5.61
N SER B 171 16.85 20.37 5.98
CA SER B 171 17.92 19.58 5.38
C SER B 171 17.66 19.35 3.89
N THR B 172 16.44 18.93 3.54
CA THR B 172 16.07 18.81 2.13
C THR B 172 16.27 20.12 1.38
N HIS B 173 15.86 21.22 2.00
CA HIS B 173 16.03 22.53 1.39
C HIS B 173 17.49 22.80 1.01
N VAL B 174 18.43 22.36 1.84
CA VAL B 174 19.84 22.54 1.53
C VAL B 174 20.26 21.64 0.38
N LEU B 175 19.87 20.35 0.43
CA LEU B 175 20.31 19.41 -0.60
C LEU B 175 19.71 19.73 -1.96
N LEU B 176 18.57 20.42 -2.02
CA LEU B 176 18.01 20.81 -3.31
C LEU B 176 18.89 21.83 -4.01
N SER B 177 19.70 22.58 -3.26
CA SER B 177 20.49 23.67 -3.82
C SER B 177 21.93 23.28 -4.10
N THR B 178 22.26 22.00 -4.02
CA THR B 178 23.61 21.57 -4.36
C THR B 178 23.90 21.94 -5.81
N PRO B 179 25.05 22.59 -6.10
CA PRO B 179 25.37 22.95 -7.50
C PRO B 179 25.15 21.83 -8.50
N ALA B 180 25.55 20.59 -8.18
CA ALA B 180 25.41 19.47 -9.11
C ALA B 180 23.96 19.11 -9.41
N LEU B 181 22.99 19.81 -8.82
CA LEU B 181 21.56 19.61 -9.10
C LEU B 181 20.88 20.91 -9.46
N GLU B 182 21.64 21.90 -9.95
CA GLU B 182 21.13 23.26 -10.11
C GLU B 182 19.92 23.25 -11.04
N ALA B 183 18.77 23.64 -10.49
CA ALA B 183 17.52 23.66 -11.25
C ALA B 183 17.33 22.38 -12.08
N VAL B 184 17.75 21.23 -11.52
CA VAL B 184 17.40 19.94 -12.11
C VAL B 184 15.90 19.71 -11.98
N PHE B 185 15.31 20.25 -10.93
CA PHE B 185 13.94 19.96 -10.55
C PHE B 185 13.09 21.20 -10.78
N THR B 186 11.89 20.98 -11.31
CA THR B 186 10.93 22.06 -11.48
C THR B 186 10.55 22.64 -10.14
N ASP B 187 9.85 23.78 -10.19
CA ASP B 187 9.32 24.36 -8.96
C ASP B 187 8.26 23.46 -8.32
N LEU B 188 7.59 22.64 -9.12
CA LEU B 188 6.62 21.71 -8.55
C LEU B 188 7.33 20.58 -7.82
N GLU B 189 8.39 20.03 -8.43
CA GLU B 189 9.19 19.01 -7.78
C GLU B 189 9.87 19.54 -6.52
N ILE B 190 10.24 20.83 -6.51
CA ILE B 190 10.81 21.43 -5.30
C ILE B 190 9.74 21.59 -4.22
N LEU B 191 8.54 22.06 -4.60
CA LEU B 191 7.43 22.10 -3.67
C LEU B 191 7.09 20.72 -3.12
N ALA B 192 7.25 19.69 -3.95
CA ALA B 192 6.87 18.33 -3.56
C ALA B 192 7.79 17.80 -2.47
N ALA B 193 9.11 17.88 -2.71
CA ALA B 193 10.10 17.40 -1.75
C ALA B 193 10.05 18.17 -0.43
N ILE B 194 9.76 19.47 -0.47
CA ILE B 194 9.68 20.25 0.77
C ILE B 194 8.40 19.94 1.52
N PHE B 195 7.27 19.93 0.81
CA PHE B 195 6.02 19.55 1.45
C PHE B 195 6.08 18.14 2.02
N ALA B 196 6.66 17.19 1.26
CA ALA B 196 6.73 15.82 1.75
C ALA B 196 7.60 15.72 2.99
N SER B 197 8.74 16.42 2.99
CA SER B 197 9.60 16.50 4.18
C SER B 197 8.84 16.97 5.40
N ALA B 198 7.97 17.97 5.22
CA ALA B 198 7.25 18.58 6.34
C ALA B 198 6.23 17.65 6.96
N ILE B 199 5.56 16.83 6.14
CA ILE B 199 4.52 15.92 6.61
C ILE B 199 5.04 14.51 6.89
N HIS B 200 6.31 14.22 6.59
CA HIS B 200 6.73 12.84 6.40
C HIS B 200 6.66 11.99 7.69
N ASP B 201 6.55 12.60 8.88
CA ASP B 201 6.40 11.83 10.12
C ASP B 201 5.19 12.27 10.95
N VAL B 202 4.22 12.96 10.35
CA VAL B 202 3.19 13.63 11.14
C VAL B 202 2.30 12.63 11.88
N ASP B 203 1.94 12.97 13.11
CA ASP B 203 1.13 12.13 13.99
C ASP B 203 1.84 10.82 14.33
N HIS B 204 3.17 10.85 14.38
CA HIS B 204 3.95 9.66 14.75
C HIS B 204 3.69 9.36 16.22
N PRO B 205 3.31 8.12 16.56
CA PRO B 205 3.09 7.77 17.97
C PRO B 205 4.35 7.41 18.74
N GLY B 206 5.52 7.35 18.11
CA GLY B 206 6.74 7.06 18.81
C GLY B 206 7.06 5.59 18.95
N VAL B 207 6.39 4.74 18.18
CA VAL B 207 6.68 3.32 18.15
C VAL B 207 6.83 2.92 16.68
N SER B 208 7.50 1.81 16.47
CA SER B 208 7.87 1.36 15.14
C SER B 208 6.70 0.67 14.45
N ASN B 209 6.82 0.52 13.12
CA ASN B 209 5.86 -0.27 12.36
C ASN B 209 5.74 -1.68 12.94
N GLN B 210 6.86 -2.30 13.30
CA GLN B 210 6.82 -3.65 13.83
C GLN B 210 6.05 -3.72 15.15
N PHE B 211 6.22 -2.72 16.02
CA PHE B 211 5.42 -2.65 17.24
C PHE B 211 3.94 -2.56 16.92
N LEU B 212 3.58 -1.69 15.97
CA LEU B 212 2.19 -1.52 15.59
C LEU B 212 1.61 -2.82 15.04
N ILE B 213 2.41 -3.58 14.29
CA ILE B 213 1.95 -4.86 13.78
C ILE B 213 1.75 -5.86 14.92
N ASN B 214 2.70 -5.93 15.86
CA ASN B 214 2.69 -6.95 16.92
C ASN B 214 1.62 -6.69 17.97
N THR B 215 1.22 -5.45 18.15
CA THR B 215 0.19 -5.13 19.13
C THR B 215 -1.22 -5.12 18.52
N ASN B 216 -1.37 -5.56 17.28
CA ASN B 216 -2.67 -5.61 16.61
C ASN B 216 -3.35 -4.23 16.67
N SER B 217 -2.59 -3.22 16.25
CA SER B 217 -3.02 -1.84 16.34
C SER B 217 -4.07 -1.52 15.28
N GLU B 218 -4.85 -0.48 15.56
CA GLU B 218 -5.77 0.05 14.56
C GLU B 218 -5.02 0.45 13.28
N LEU B 219 -3.84 1.04 13.43
CA LEU B 219 -3.07 1.49 12.26
C LEU B 219 -2.66 0.33 11.36
N ALA B 220 -2.09 -0.73 11.95
CA ALA B 220 -1.67 -1.88 11.16
C ALA B 220 -2.85 -2.59 10.53
N LEU B 221 -3.97 -2.64 11.25
CA LEU B 221 -5.19 -3.21 10.70
C LEU B 221 -5.72 -2.38 9.53
N MET B 222 -5.64 -1.04 9.63
CA MET B 222 -6.03 -0.19 8.51
C MET B 222 -5.15 -0.42 7.28
N TYR B 223 -3.85 -0.53 7.47
CA TYR B 223 -2.89 -0.48 6.36
C TYR B 223 -2.26 -1.83 6.03
N ASN B 224 -2.83 -2.93 6.53
CA ASN B 224 -2.43 -4.28 6.10
C ASN B 224 -0.93 -4.51 6.25
N ASP B 225 -0.37 -4.02 7.35
CA ASP B 225 1.01 -4.24 7.78
C ASP B 225 2.06 -3.65 6.82
N SER B 226 1.66 -2.93 5.77
CA SER B 226 2.63 -2.42 4.80
C SER B 226 2.82 -0.91 4.97
N SER B 227 4.06 -0.50 5.27
CA SER B 227 4.41 0.92 5.48
C SER B 227 3.34 1.64 6.29
N VAL B 228 3.02 1.06 7.44
CA VAL B 228 1.85 1.48 8.19
C VAL B 228 1.97 2.94 8.60
N LEU B 229 3.09 3.31 9.23
CA LEU B 229 3.28 4.68 9.67
C LEU B 229 3.28 5.65 8.50
N GLU B 230 4.02 5.30 7.44
CA GLU B 230 4.23 6.20 6.30
C GLU B 230 2.94 6.47 5.54
N ASN B 231 2.10 5.44 5.39
CA ASN B 231 0.78 5.65 4.80
C ASN B 231 -0.05 6.58 5.68
N HIS B 232 0.05 6.41 7.00
CA HIS B 232 -0.69 7.28 7.91
C HIS B 232 -0.19 8.72 7.85
N HIS B 233 1.13 8.93 7.81
CA HIS B 233 1.68 10.29 7.73
C HIS B 233 1.12 11.02 6.50
N LEU B 234 1.15 10.34 5.35
CA LEU B 234 0.56 10.87 4.12
C LEU B 234 -0.91 11.23 4.30
N ALA B 235 -1.70 10.29 4.81
CA ALA B 235 -3.14 10.50 4.91
C ALA B 235 -3.47 11.69 5.81
N VAL B 236 -2.73 11.86 6.92
CA VAL B 236 -2.95 13.01 7.80
C VAL B 236 -2.48 14.30 7.13
N GLY B 237 -1.27 14.29 6.57
CA GLY B 237 -0.74 15.49 5.92
C GLY B 237 -1.67 16.03 4.84
N PHE B 238 -2.27 15.15 4.04
CA PHE B 238 -3.20 15.59 3.01
C PHE B 238 -4.56 15.96 3.60
N LYS B 239 -5.03 15.21 4.60
CA LYS B 239 -6.34 15.46 5.19
C LYS B 239 -6.43 16.87 5.79
N LEU B 240 -5.37 17.32 6.46
CA LEU B 240 -5.34 18.65 7.06
C LEU B 240 -5.48 19.78 6.04
N LEU B 241 -5.16 19.53 4.76
CA LEU B 241 -5.38 20.54 3.73
C LEU B 241 -6.85 20.94 3.62
N GLN B 242 -7.76 20.08 4.09
CA GLN B 242 -9.20 20.30 3.99
C GLN B 242 -9.77 21.08 5.17
N GLU B 243 -8.95 21.45 6.16
CA GLU B 243 -9.43 22.30 7.25
C GLU B 243 -9.57 23.74 6.75
N GLU B 244 -10.31 24.54 7.52
CA GLU B 244 -10.66 25.88 7.03
C GLU B 244 -9.41 26.74 6.79
N ASN B 245 -9.32 27.30 5.58
CA ASN B 245 -8.21 28.17 5.20
C ASN B 245 -6.87 27.44 5.30
N CYS B 246 -6.86 26.14 5.02
CA CYS B 246 -5.62 25.36 5.05
C CYS B 246 -5.14 24.86 3.70
N ASP B 247 -5.91 25.05 2.62
CA ASP B 247 -5.53 24.47 1.33
C ASP B 247 -4.50 25.35 0.66
N ILE B 248 -3.23 25.10 0.97
CA ILE B 248 -2.16 25.89 0.37
C ILE B 248 -2.00 25.61 -1.12
N PHE B 249 -2.69 24.60 -1.65
CA PHE B 249 -2.60 24.27 -3.08
C PHE B 249 -3.84 24.72 -3.85
N GLN B 250 -4.61 25.64 -3.28
CA GLN B 250 -5.90 26.01 -3.87
C GLN B 250 -5.75 26.66 -5.24
N ASN B 251 -4.62 27.30 -5.51
CA ASN B 251 -4.39 27.98 -6.78
C ASN B 251 -3.44 27.20 -7.68
N LEU B 252 -3.21 25.92 -7.39
CA LEU B 252 -2.60 25.03 -8.37
C LEU B 252 -3.66 24.51 -9.32
N THR B 253 -3.26 24.25 -10.55
CA THR B 253 -4.18 23.58 -11.47
C THR B 253 -4.44 22.16 -10.98
N LYS B 254 -5.46 21.53 -11.56
CA LYS B 254 -5.83 20.21 -11.08
C LYS B 254 -4.77 19.18 -11.44
N LYS B 255 -4.12 19.34 -12.60
CA LYS B 255 -3.06 18.41 -12.96
C LYS B 255 -1.76 18.70 -12.21
N GLN B 256 -1.52 19.96 -11.84
CA GLN B 256 -0.41 20.23 -10.94
C GLN B 256 -0.64 19.54 -9.59
N ARG B 257 -1.86 19.64 -9.06
CA ARG B 257 -2.20 18.99 -7.80
C ARG B 257 -2.09 17.47 -7.91
N GLN B 258 -2.61 16.91 -9.00
CA GLN B 258 -2.43 15.48 -9.26
C GLN B 258 -0.96 15.09 -9.30
N SER B 259 -0.13 15.88 -10.01
CA SER B 259 1.28 15.51 -10.11
C SER B 259 1.98 15.67 -8.76
N LEU B 260 1.67 16.74 -8.04
CA LEU B 260 2.26 16.96 -6.72
C LEU B 260 1.87 15.86 -5.74
N ARG B 261 0.59 15.49 -5.74
CA ARG B 261 0.11 14.43 -4.85
C ARG B 261 0.90 13.15 -5.06
N LYS B 262 1.10 12.74 -6.32
CA LYS B 262 1.79 11.49 -6.60
C LYS B 262 3.26 11.55 -6.16
N MET B 263 3.91 12.68 -6.42
CA MET B 263 5.31 12.81 -6.02
C MET B 263 5.47 12.76 -4.49
N VAL B 264 4.60 13.47 -3.76
CA VAL B 264 4.65 13.44 -2.30
C VAL B 264 4.45 12.03 -1.75
N ILE B 265 3.42 11.31 -2.25
CA ILE B 265 3.19 9.93 -1.83
C ILE B 265 4.41 9.06 -2.12
N ASP B 266 4.95 9.13 -3.34
CA ASP B 266 6.14 8.35 -3.69
C ASP B 266 7.33 8.69 -2.79
N ILE B 267 7.49 9.96 -2.42
CA ILE B 267 8.62 10.34 -1.58
C ILE B 267 8.43 9.83 -0.15
N VAL B 268 7.26 10.06 0.43
CA VAL B 268 7.07 9.71 1.84
C VAL B 268 7.06 8.19 2.01
N LEU B 269 6.45 7.46 1.08
CA LEU B 269 6.48 6.00 1.22
C LEU B 269 7.91 5.49 1.20
N ALA B 270 8.83 6.22 0.55
CA ALA B 270 10.21 5.76 0.49
C ALA B 270 10.98 6.03 1.79
N THR B 271 10.41 6.79 2.73
CA THR B 271 11.12 6.97 3.99
C THR B 271 11.04 5.75 4.92
N ASP B 272 10.18 4.78 4.63
CA ASP B 272 10.13 3.53 5.39
C ASP B 272 11.50 2.86 5.35
N MET B 273 12.12 2.67 6.53
CA MET B 273 13.47 2.12 6.56
C MET B 273 13.55 0.71 5.99
N SER B 274 12.43 -0.01 5.92
CA SER B 274 12.48 -1.33 5.28
C SER B 274 12.72 -1.23 3.78
N LYS B 275 12.56 -0.06 3.17
CA LYS B 275 12.89 0.14 1.77
C LYS B 275 14.31 0.66 1.54
N HIS B 276 15.10 0.83 2.60
CA HIS B 276 16.40 1.48 2.47
C HIS B 276 17.33 0.76 1.48
N MET B 277 17.48 -0.55 1.64
CA MET B 277 18.44 -1.29 0.83
C MET B 277 18.12 -1.21 -0.66
N ASN B 278 16.85 -1.40 -1.02
CA ASN B 278 16.47 -1.29 -2.44
C ASN B 278 16.69 0.13 -2.95
N LEU B 279 16.31 1.11 -2.14
CA LEU B 279 16.54 2.50 -2.50
C LEU B 279 18.01 2.77 -2.78
N LEU B 280 18.89 2.19 -1.97
CA LEU B 280 20.33 2.43 -2.11
C LEU B 280 20.89 1.70 -3.33
N ALA B 281 20.47 0.45 -3.55
CA ALA B 281 20.87 -0.27 -4.76
C ALA B 281 20.57 0.56 -6.00
N ASP B 282 19.37 1.12 -6.06
CA ASP B 282 18.97 1.92 -7.21
C ASP B 282 19.73 3.24 -7.28
N LEU B 283 20.07 3.83 -6.13
CA LEU B 283 20.90 5.02 -6.16
C LEU B 283 22.29 4.71 -6.69
N LYS B 284 22.86 3.55 -6.31
CA LYS B 284 24.17 3.15 -6.82
C LYS B 284 24.13 2.94 -8.33
N THR B 285 23.13 2.21 -8.81
CA THR B 285 22.94 2.04 -10.24
C THR B 285 22.97 3.37 -10.97
N MET B 286 22.22 4.34 -10.46
CA MET B 286 22.18 5.66 -11.09
C MET B 286 23.56 6.34 -11.05
N VAL B 287 24.35 6.07 -10.02
CA VAL B 287 25.68 6.69 -9.95
C VAL B 287 26.58 6.15 -11.06
N GLU B 288 26.59 4.84 -11.28
CA GLU B 288 27.54 4.27 -12.23
C GLU B 288 27.14 4.51 -13.69
N THR B 289 25.92 5.00 -13.94
CA THR B 289 25.48 5.37 -15.29
C THR B 289 25.14 6.86 -15.35
N LYS B 290 25.82 7.65 -14.51
CA LYS B 290 25.57 9.07 -14.33
C LYS B 290 25.99 9.86 -15.59
N LYS B 291 25.37 11.04 -15.77
CA LYS B 291 25.67 11.94 -16.87
C LYS B 291 25.58 13.39 -16.42
N VAL B 292 26.50 14.23 -16.92
CA VAL B 292 26.81 15.56 -16.38
C VAL B 292 26.87 16.59 -17.52
N THR B 293 26.39 17.82 -17.26
CA THR B 293 26.60 18.90 -18.21
C THR B 293 28.01 19.47 -18.04
N SER B 294 28.26 20.60 -18.70
CA SER B 294 29.57 21.25 -18.67
C SER B 294 29.83 21.93 -17.34
N SER B 295 28.89 22.82 -16.93
CA SER B 295 28.98 23.48 -15.62
C SER B 295 28.85 22.51 -14.46
N GLY B 296 28.41 21.28 -14.72
CA GLY B 296 28.30 20.25 -13.71
C GLY B 296 26.90 19.72 -13.42
N VAL B 297 25.82 20.35 -13.89
CA VAL B 297 24.48 19.94 -13.49
C VAL B 297 24.19 18.53 -13.99
N LEU B 298 23.82 17.64 -13.07
CA LEU B 298 23.45 16.27 -13.40
C LEU B 298 22.29 16.26 -14.41
N LEU B 299 22.26 15.24 -15.27
CA LEU B 299 21.22 15.11 -16.30
C LEU B 299 20.34 13.90 -16.00
N LEU B 300 19.09 14.15 -15.65
CA LEU B 300 18.07 13.11 -15.48
C LEU B 300 16.96 13.37 -16.49
N ASP B 301 16.62 12.37 -17.29
CA ASP B 301 15.66 12.65 -18.36
C ASP B 301 14.24 12.20 -18.05
N ASN B 302 14.04 11.07 -17.39
CA ASN B 302 12.70 10.55 -17.18
C ASN B 302 12.28 10.70 -15.72
N TYR B 303 10.96 10.75 -15.51
CA TYR B 303 10.42 10.88 -14.16
C TYR B 303 10.98 9.81 -13.22
N SER B 304 11.13 8.59 -13.72
CA SER B 304 11.58 7.49 -12.87
C SER B 304 12.89 7.82 -12.16
N ASP B 305 13.87 8.34 -12.89
CA ASP B 305 15.13 8.69 -12.24
C ASP B 305 14.98 9.92 -11.36
N ARG B 306 14.16 10.89 -11.77
CA ARG B 306 14.04 12.14 -11.01
C ARG B 306 13.34 11.94 -9.66
N ILE B 307 12.32 11.08 -9.61
CA ILE B 307 11.65 10.81 -8.35
C ILE B 307 12.55 9.99 -7.46
N GLN B 308 13.35 9.12 -8.05
CA GLN B 308 14.27 8.28 -7.30
C GLN B 308 15.35 9.12 -6.61
N VAL B 309 15.78 10.21 -7.25
CA VAL B 309 16.72 11.12 -6.59
C VAL B 309 16.02 11.87 -5.46
N LEU B 310 14.77 12.29 -5.70
CA LEU B 310 14.05 12.99 -4.63
C LEU B 310 13.75 12.06 -3.47
N GLN B 311 13.47 10.79 -3.76
CA GLN B 311 13.26 9.81 -2.69
C GLN B 311 14.52 9.65 -1.85
N ASN B 312 15.67 9.49 -2.51
CA ASN B 312 16.91 9.33 -1.75
C ASN B 312 17.31 10.62 -1.06
N MET B 313 16.95 11.77 -1.63
CA MET B 313 17.27 13.04 -1.01
C MET B 313 16.54 13.22 0.32
N VAL B 314 15.23 13.00 0.34
CA VAL B 314 14.50 13.12 1.60
C VAL B 314 14.91 11.99 2.54
N HIS B 315 15.22 10.81 2.00
CA HIS B 315 15.76 9.72 2.80
C HIS B 315 17.08 10.11 3.45
N CYS B 316 17.98 10.75 2.69
CA CYS B 316 19.23 11.27 3.25
C CYS B 316 18.95 12.30 4.33
N ALA B 317 18.02 13.23 4.06
CA ALA B 317 17.68 14.26 5.04
C ALA B 317 17.09 13.63 6.31
N ASP B 318 16.29 12.58 6.14
CA ASP B 318 15.80 11.81 7.29
C ASP B 318 16.97 11.18 8.07
N LEU B 319 18.01 10.74 7.36
CA LEU B 319 19.15 10.08 7.98
C LEU B 319 20.37 10.99 8.03
N SER B 320 20.16 12.26 8.30
CA SER B 320 21.24 13.24 8.27
C SER B 320 21.74 13.63 9.65
N ASN B 321 21.15 13.10 10.74
CA ASN B 321 21.61 13.47 12.07
C ASN B 321 23.11 13.22 12.26
N PRO B 322 23.67 12.05 11.93
CA PRO B 322 25.11 11.84 12.13
C PRO B 322 26.02 12.68 11.23
N THR B 323 25.48 13.43 10.26
CA THR B 323 26.28 14.32 9.42
C THR B 323 26.26 15.76 9.91
N LYS B 324 25.51 16.07 10.95
CA LYS B 324 25.44 17.42 11.47
C LYS B 324 26.59 17.64 12.44
N PRO B 325 26.86 18.90 12.81
CA PRO B 325 27.82 19.14 13.90
C PRO B 325 27.47 18.32 15.13
N LEU B 326 28.54 17.85 15.80
CA LEU B 326 28.42 16.85 16.86
C LEU B 326 27.44 17.28 17.95
N GLN B 327 27.45 18.55 18.34
CA GLN B 327 26.53 19.00 19.38
C GLN B 327 25.08 18.77 18.96
N LEU B 328 24.79 18.92 17.66
CA LEU B 328 23.46 18.58 17.15
C LEU B 328 23.25 17.07 17.14
N TYR B 329 24.17 16.33 16.53
CA TYR B 329 24.06 14.87 16.45
C TYR B 329 23.83 14.23 17.82
N ARG B 330 24.57 14.66 18.84
CA ARG B 330 24.44 14.02 20.15
C ARG B 330 23.07 14.23 20.76
N GLN B 331 22.44 15.39 20.53
CA GLN B 331 21.07 15.59 21.00
C GLN B 331 20.07 14.74 20.22
N TRP B 332 20.24 14.60 18.89
CA TRP B 332 19.40 13.66 18.15
C TRP B 332 19.52 12.26 18.70
N THR B 333 20.74 11.85 19.06
CA THR B 333 20.94 10.50 19.59
C THR B 333 20.23 10.32 20.93
N ASP B 334 20.34 11.31 21.82
CA ASP B 334 19.64 11.23 23.10
C ASP B 334 18.14 11.08 22.90
N ARG B 335 17.58 11.81 21.93
CA ARG B 335 16.13 11.74 21.71
C ARG B 335 15.70 10.39 21.12
N ILE B 336 16.42 9.86 20.12
CA ILE B 336 15.98 8.59 19.55
C ILE B 336 16.14 7.45 20.56
N MET B 337 17.19 7.49 21.39
CA MET B 337 17.35 6.47 22.41
C MET B 337 16.27 6.58 23.48
N GLU B 338 15.86 7.80 23.81
CA GLU B 338 14.75 7.99 24.72
C GLU B 338 13.46 7.40 24.14
N GLU B 339 13.26 7.56 22.83
CA GLU B 339 12.06 7.04 22.21
C GLU B 339 12.09 5.52 22.12
N PHE B 340 13.25 4.95 21.76
CA PHE B 340 13.41 3.50 21.75
C PHE B 340 13.17 2.89 23.13
N PHE B 341 13.76 3.49 24.17
CA PHE B 341 13.63 2.95 25.53
C PHE B 341 12.18 3.04 26.02
N ARG B 342 11.47 4.10 25.66
CA ARG B 342 10.06 4.16 26.01
C ARG B 342 9.25 3.10 25.26
N GLN B 343 9.69 2.71 24.06
CA GLN B 343 9.02 1.61 23.37
C GLN B 343 9.31 0.28 24.07
N GLY B 344 10.59 0.04 24.38
CA GLY B 344 10.96 -1.19 25.05
C GLY B 344 10.34 -1.34 26.43
N ASP B 345 10.03 -0.22 27.10
CA ASP B 345 9.29 -0.26 28.35
C ASP B 345 7.85 -0.70 28.12
N ARG B 346 7.22 -0.22 27.05
CA ARG B 346 5.87 -0.69 26.73
C ARG B 346 5.89 -2.15 26.28
N GLU B 347 6.95 -2.58 25.62
CA GLU B 347 7.09 -3.99 25.27
C GLU B 347 7.29 -4.85 26.51
N ARG B 348 8.09 -4.37 27.46
CA ARG B 348 8.31 -5.12 28.69
C ARG B 348 7.03 -5.24 29.50
N GLU B 349 6.35 -4.10 29.72
CA GLU B 349 5.04 -4.07 30.36
C GLU B 349 4.11 -5.17 29.85
N ARG B 350 4.00 -5.27 28.52
CA ARG B 350 3.12 -6.22 27.85
C ARG B 350 3.69 -7.63 27.83
N GLY B 351 4.87 -7.83 28.38
CA GLY B 351 5.56 -9.10 28.17
C GLY B 351 5.82 -9.42 26.72
N MET B 352 6.07 -8.41 25.90
CA MET B 352 6.51 -8.62 24.53
C MET B 352 8.01 -8.71 24.48
N GLU B 353 8.53 -9.34 23.42
CA GLU B 353 9.96 -9.37 23.24
C GLU B 353 10.49 -7.97 22.93
N ILE B 354 11.55 -7.57 23.63
CA ILE B 354 12.06 -6.21 23.53
C ILE B 354 12.83 -6.05 22.22
N SER B 355 12.49 -5.01 21.43
CA SER B 355 13.08 -4.81 20.12
C SER B 355 14.54 -4.38 20.24
N PRO B 356 15.35 -4.61 19.20
CA PRO B 356 16.76 -4.22 19.24
C PRO B 356 16.96 -2.78 19.70
N MET B 357 17.91 -2.58 20.61
CA MET B 357 18.34 -1.28 21.10
C MET B 357 17.28 -0.56 21.91
N CYS B 358 16.17 -1.21 22.24
CA CYS B 358 15.10 -0.62 23.03
C CYS B 358 15.15 -1.05 24.50
N ASP B 359 16.10 -1.88 24.88
CA ASP B 359 16.23 -2.34 26.27
C ASP B 359 17.19 -1.39 26.99
N LYS B 360 16.65 -0.52 27.84
CA LYS B 360 17.47 0.46 28.55
C LYS B 360 18.41 -0.17 29.57
N HIS B 361 18.27 -1.47 29.85
CA HIS B 361 19.14 -2.17 30.79
C HIS B 361 20.31 -2.88 30.13
N ASN B 362 20.28 -3.10 28.82
CA ASN B 362 21.38 -3.74 28.10
C ASN B 362 21.61 -3.06 26.76
N ALA B 363 21.79 -1.74 26.78
CA ALA B 363 22.09 -0.97 25.60
C ALA B 363 23.58 -0.62 25.55
N SER B 364 24.07 -0.36 24.34
CA SER B 364 25.31 0.39 24.18
C SER B 364 25.03 1.46 23.12
N VAL B 365 24.68 2.65 23.61
CA VAL B 365 24.32 3.76 22.73
C VAL B 365 25.43 4.04 21.72
N GLU B 366 26.68 4.03 22.19
CA GLU B 366 27.79 4.47 21.37
C GLU B 366 28.11 3.44 20.29
N LYS B 367 28.20 2.17 20.67
CA LYS B 367 28.48 1.16 19.66
C LYS B 367 27.34 1.05 18.66
N SER B 368 26.10 1.34 19.08
CA SER B 368 24.97 1.32 18.15
C SER B 368 25.09 2.42 17.12
N GLN B 369 25.51 3.63 17.52
CA GLN B 369 25.69 4.72 16.57
C GLN B 369 26.79 4.41 15.56
N VAL B 370 27.91 3.85 16.01
CA VAL B 370 28.97 3.47 15.07
C VAL B 370 28.46 2.45 14.08
N GLY B 371 27.70 1.45 14.55
CA GLY B 371 27.10 0.49 13.63
C GLY B 371 26.10 1.13 12.68
N PHE B 372 25.23 2.00 13.22
CA PHE B 372 24.30 2.78 12.40
C PHE B 372 25.04 3.50 11.27
N ILE B 373 26.17 4.14 11.61
CA ILE B 373 26.94 4.86 10.61
C ILE B 373 27.58 3.90 9.62
N ASP B 374 28.25 2.86 10.14
CA ASP B 374 29.02 1.98 9.26
C ASP B 374 28.11 1.29 8.25
N TYR B 375 26.93 0.83 8.68
CA TYR B 375 26.09 -0.05 7.88
C TYR B 375 24.93 0.65 7.16
N ILE B 376 24.48 1.81 7.62
CA ILE B 376 23.35 2.51 7.01
C ILE B 376 23.77 3.88 6.51
N VAL B 377 24.25 4.72 7.42
CA VAL B 377 24.33 6.15 7.14
C VAL B 377 25.51 6.46 6.22
N HIS B 378 26.68 5.85 6.47
CA HIS B 378 27.80 6.12 5.59
C HIS B 378 27.62 5.53 4.20
N PRO B 379 27.17 4.28 4.04
CA PRO B 379 26.95 3.79 2.67
C PRO B 379 25.98 4.65 1.89
N LEU B 380 24.96 5.20 2.56
CA LEU B 380 24.02 6.08 1.89
C LEU B 380 24.67 7.40 1.50
N TRP B 381 25.31 8.09 2.45
CA TRP B 381 25.88 9.40 2.14
C TRP B 381 27.11 9.31 1.25
N GLU B 382 27.80 8.17 1.23
CA GLU B 382 28.89 7.95 0.30
C GLU B 382 28.38 7.88 -1.13
N THR B 383 27.25 7.21 -1.34
CA THR B 383 26.68 7.11 -2.67
C THR B 383 26.08 8.45 -3.10
N TRP B 384 25.43 9.16 -2.18
CA TRP B 384 24.91 10.48 -2.50
C TRP B 384 26.02 11.47 -2.84
N ALA B 385 27.16 11.40 -2.13
CA ALA B 385 28.23 12.35 -2.37
C ALA B 385 28.83 12.17 -3.77
N ASP B 386 29.02 10.91 -4.18
CA ASP B 386 29.37 10.60 -5.57
C ASP B 386 28.38 11.26 -6.55
N LEU B 387 27.08 11.02 -6.35
CA LEU B 387 26.09 11.55 -7.29
C LEU B 387 26.21 13.06 -7.48
N VAL B 388 26.53 13.78 -6.41
CA VAL B 388 26.60 15.23 -6.49
C VAL B 388 28.04 15.74 -6.34
N HIS B 389 29.02 14.86 -6.56
CA HIS B 389 30.46 15.17 -6.47
C HIS B 389 30.78 16.52 -7.12
N PRO B 390 31.38 17.46 -6.37
CA PRO B 390 31.89 17.36 -5.00
C PRO B 390 31.07 18.08 -3.94
N ASP B 391 29.79 18.34 -4.19
CA ASP B 391 29.09 19.29 -3.34
C ASP B 391 28.82 18.75 -1.93
N ALA B 392 28.99 17.46 -1.68
CA ALA B 392 28.64 16.87 -0.40
C ALA B 392 29.86 16.54 0.44
N GLN B 393 31.04 17.02 0.03
CA GLN B 393 32.26 16.61 0.71
C GLN B 393 32.28 17.07 2.17
N ASP B 394 31.86 18.31 2.43
CA ASP B 394 31.81 18.83 3.80
C ASP B 394 30.84 18.00 4.66
N ILE B 395 29.67 17.69 4.12
CA ILE B 395 28.73 16.83 4.82
C ILE B 395 29.39 15.49 5.13
N LEU B 396 29.99 14.86 4.12
CA LEU B 396 30.61 13.56 4.35
C LEU B 396 31.76 13.67 5.35
N ASP B 397 32.49 14.81 5.32
CA ASP B 397 33.58 15.03 6.26
C ASP B 397 33.07 15.06 7.70
N THR B 398 31.97 15.80 7.95
CA THR B 398 31.43 15.87 9.30
C THR B 398 30.97 14.51 9.80
N LEU B 399 30.43 13.68 8.90
CA LEU B 399 29.98 12.34 9.27
C LEU B 399 31.15 11.49 9.72
N GLU B 400 32.25 11.52 8.97
CA GLU B 400 33.40 10.69 9.31
C GLU B 400 34.08 11.17 10.60
N ASP B 401 34.10 12.48 10.83
CA ASP B 401 34.58 13.01 12.11
C ASP B 401 33.72 12.50 13.27
N ASN B 402 32.41 12.47 13.08
CA ASN B 402 31.50 12.11 14.16
C ASN B 402 31.58 10.62 14.46
N ARG B 403 31.77 9.81 13.42
CA ARG B 403 31.99 8.38 13.61
C ARG B 403 33.26 8.12 14.42
N GLU B 404 34.34 8.84 14.08
CA GLU B 404 35.59 8.65 14.81
C GLU B 404 35.44 9.03 16.28
N TRP B 405 34.72 10.13 16.56
CA TRP B 405 34.49 10.55 17.93
C TRP B 405 33.71 9.50 18.71
N TYR B 406 32.55 9.09 18.19
CA TYR B 406 31.73 8.08 18.85
C TYR B 406 32.53 6.82 19.13
N GLN B 407 33.32 6.36 18.14
CA GLN B 407 34.20 5.22 18.37
C GLN B 407 35.18 5.48 19.52
N SER B 408 35.65 6.72 19.68
CA SER B 408 36.63 6.98 20.72
C SER B 408 36.02 6.97 22.12
N THR B 409 34.69 7.09 22.25
CA THR B 409 34.02 6.97 23.54
C THR B 409 33.85 5.51 23.97
N ILE B 410 34.24 4.56 23.13
CA ILE B 410 34.16 3.16 23.50
C ILE B 410 35.51 2.75 24.06
ZN ZN C . -14.10 -9.26 -7.35
MG MG D . -12.16 -6.29 -6.32
C5 A1D8P E . -12.95 -5.84 -12.19
C4 A1D8P E . -12.38 -4.57 -12.23
O3 A1D8P E . -12.91 -3.80 -13.26
C2 A1D8P E . -13.84 -4.56 -13.92
O1 A1D8P E . -14.43 -4.13 -14.87
C6 A1D8P E . -13.91 -5.89 -13.26
C7 A1D8P E . -14.67 -7.00 -13.42
C8 A1D8P E . -15.61 -7.40 -14.46
C9 A1D8P E . -16.27 -8.62 -14.31
C10 A1D8P E . -17.11 -9.11 -15.30
C11 A1D8P E . -17.28 -8.39 -16.46
O12 A1D8P E . -18.05 -8.84 -17.52
C13 A1D8P E . -18.83 -9.96 -17.41
F14 A1D8P E . -18.07 -11.06 -17.27
F15 A1D8P E . -19.70 -9.88 -16.37
C16 A1D8P E . -16.63 -7.15 -16.63
O17 A1D8P E . -16.84 -6.53 -17.84
C18 A1D8P E . -16.56 -5.09 -17.93
C19 A1D8P E . -15.09 -4.82 -18.20
C20 A1D8P E . -14.95 -5.04 -19.69
C21 A1D8P E . -16.29 -4.66 -20.31
C22 A1D8P E . -17.31 -4.60 -19.17
C23 A1D8P E . -15.80 -6.68 -15.63
C24 A1D8P E . -12.46 -6.74 -11.24
C25 A1D8P E . -11.45 -6.36 -10.37
C26 A1D8P E . -10.91 -5.08 -10.45
O27 A1D8P E . -9.92 -4.69 -9.59
C28 A1D8P E . -11.37 -4.17 -11.38
ZN ZN F . 11.66 10.89 9.87
MG MG G . 9.37 8.09 9.25
C5 A1D8P H . 14.14 5.66 11.56
C4 A1D8P H . 13.58 4.38 11.64
O3 A1D8P H . 14.23 3.61 12.59
C2 A1D8P H . 15.23 4.36 13.14
O1 A1D8P H . 15.99 3.86 13.94
C6 A1D8P H . 15.24 5.69 12.52
C7 A1D8P H . 15.95 6.83 12.67
C8 A1D8P H . 17.11 7.14 13.50
C9 A1D8P H . 17.54 8.47 13.58
C10 A1D8P H . 18.67 8.81 14.30
C11 A1D8P H . 19.39 7.83 14.96
O12 A1D8P H . 20.56 8.06 15.66
C13 A1D8P H . 21.02 9.34 15.81
F14 A1D8P H . 20.08 10.16 16.34
F15 A1D8P H . 21.42 9.82 14.62
C16 A1D8P H . 18.99 6.49 14.89
O17 A1D8P H . 19.76 5.58 15.56
C18 A1D8P H . 19.17 4.33 15.97
C19 A1D8P H . 19.38 3.26 14.90
C20 A1D8P H . 20.68 2.56 15.28
C21 A1D8P H . 21.17 3.20 16.56
C22 A1D8P H . 19.94 3.84 17.19
C23 A1D8P H . 17.85 6.16 14.17
C24 A1D8P H . 13.67 6.52 10.57
C25 A1D8P H . 12.67 6.10 9.70
C26 A1D8P H . 12.12 4.82 9.83
O27 A1D8P H . 11.16 4.39 8.95
C28 A1D8P H . 12.58 3.95 10.81
#